data_6SEA
#
_entry.id   6SEA
#
_cell.length_a   138.613
_cell.length_b   138.613
_cell.length_c   127.347
_cell.angle_alpha   90.000
_cell.angle_beta   90.000
_cell.angle_gamma   120.000
#
_symmetry.space_group_name_H-M   'P 31 2 1'
#
loop_
_entity.id
_entity.type
_entity.pdbx_description
1 polymer Beta-galactosidase
2 branched beta-D-galactopyranose-(1-4)-beta-D-glucopyranose
3 non-polymer 'SODIUM ION'
4 non-polymer 'ACETATE ION'
5 non-polymer beta-D-galactopyranose
6 water water
#
_entity_poly.entity_id   1
_entity_poly.type   'polypeptide(L)'
_entity_poly.pdbx_seq_one_letter_code
;MSVETPSALADSSPHTAPGSAGRSLELGAADIQDLESFEAGRGALPARAYLQSDAPRLSLNGEWQFRLSPGSRVAPDDGW
QLGEALNGFESLPVPSSWPMHGHGAPAYTNVQFPFAVEPPHVPEANPIGDHLVVFEAGPEFFPHALLRFDGIESAGTVWL
NGVELGTTRGSRLAHEFDVSGILEQGENTLAVRVAQFSAASYVEDQDMWWLPGIFRDVTLQARPAAGIDDVFVHAGYDHI
TGEGILKVEASRGGQAIDAVVRVPELALELAAGTEVRVPAVEPWSAEVPKLYEAAVSAAGESVALQIGFRSIAIEDAQFK
VNGRRILLRGVNRHEHHPRLGRVVPRDVVEAELRLMKQHNINAIRTSHYPPHPQFLALADQLGFYVVLECDLETHGFESA
GWAQNPSDDPQWEDALVDRMRRTVERDKNHASVVMWSLGNQAGTGRNLAAMSRWTKDRDPSRPIHYEGDWSSEHVDVYSR
MYASQAETALIGQGIEPALNDAALDARRRAMPFVLCEYVHAMGNGPGGMSEYQALFEKYPRLMGGFVWEWLEHGITVSTA
DGVDHYGYGGDFGEEVHDGNFVTDGLVDADRRPRPGLLDFKKVIEPLRIDVARDWTGFTLRNGQDFADTSAFSFRYEVEA
DGGALDGGTVDVAPVAPQSETVVELPGSVAALAAGLSDGRPAVLTVRAVLGADSAWADAGHEVAWGQSVREPGAPVPPAP
VEPVQVQDSELTLGPVVFSRATGMPTSIGGVPVEKLGLTLWWAPTDNDLGREWGGADERPLATQWKDAGLNRLHTRLLGI
SANPGQDGGETLTVRTRVSAADKQYGVLVDYTWSTDGETVGLRTQVRRDGTWVNRGFEVEWARIGLEFVLGEETELVSWF
GQGPHQSYPDTGQGARAGWFSLPLAKMDVEYVRPQECGARSGSRSAALQLGGRTLEICGDPFALTVRPYSQDVLDAAAHR
PDLKADGRTYLYVDHALRGVGTAACGPGVLEQYRLKPRDADFILTLKVRS
;
_entity_poly.pdbx_strand_id   A
#
loop_
_chem_comp.id
_chem_comp.type
_chem_comp.name
_chem_comp.formula
ACT non-polymer 'ACETATE ION' 'C2 H3 O2 -1'
BGC D-saccharide, beta linking beta-D-glucopyranose 'C6 H12 O6'
GAL D-saccharide, beta linking beta-D-galactopyranose 'C6 H12 O6'
NA non-polymer 'SODIUM ION' 'Na 1'
#
# COMPACT_ATOMS: atom_id res chain seq x y z
N GLY A 22 52.63 -23.44 1.31
CA GLY A 22 53.00 -22.35 0.42
C GLY A 22 52.39 -21.04 0.83
N ARG A 23 52.85 -19.95 0.21
CA ARG A 23 52.42 -18.61 0.56
C ARG A 23 51.18 -18.21 -0.23
N SER A 24 50.31 -17.40 0.40
CA SER A 24 49.09 -16.93 -0.24
C SER A 24 49.36 -15.79 -1.21
N LEU A 25 48.63 -15.78 -2.33
CA LEU A 25 48.79 -14.75 -3.34
C LEU A 25 47.53 -14.00 -3.67
N GLU A 26 46.38 -14.39 -3.12
CA GLU A 26 45.13 -13.73 -3.44
C GLU A 26 45.17 -12.29 -2.92
N LEU A 27 44.44 -11.41 -3.59
CA LEU A 27 44.40 -9.99 -3.26
C LEU A 27 43.17 -9.67 -2.41
N GLY A 28 43.28 -8.62 -1.61
CA GLY A 28 42.13 -8.11 -0.91
C GLY A 28 41.60 -8.97 0.21
N ALA A 29 42.39 -9.94 0.69
CA ALA A 29 41.87 -10.89 1.66
C ALA A 29 41.46 -10.24 2.97
N ALA A 30 42.12 -9.15 3.37
CA ALA A 30 41.79 -8.53 4.64
C ALA A 30 40.46 -7.77 4.55
N ASP A 31 40.28 -6.96 3.50
CA ASP A 31 39.00 -6.32 3.30
C ASP A 31 37.86 -7.36 3.31
N ILE A 32 38.08 -8.52 2.69
CA ILE A 32 36.98 -9.48 2.59
C ILE A 32 36.72 -10.11 3.95
N GLN A 33 37.80 -10.44 4.67
CA GLN A 33 37.64 -11.00 6.00
C GLN A 33 36.78 -10.09 6.87
N ASP A 34 36.96 -8.77 6.77
CA ASP A 34 36.15 -7.84 7.55
C ASP A 34 34.71 -7.87 7.08
N LEU A 35 34.50 -7.90 5.77
CA LEU A 35 33.14 -7.95 5.24
C LEU A 35 32.42 -9.21 5.69
N GLU A 36 33.12 -10.32 5.87
CA GLU A 36 32.53 -11.58 6.29
CA GLU A 36 32.44 -11.53 6.30
C GLU A 36 32.45 -11.72 7.81
N SER A 37 32.66 -10.63 8.56
CA SER A 37 32.66 -10.67 10.01
C SER A 37 31.26 -10.80 10.56
N PHE A 38 31.11 -11.64 11.59
CA PHE A 38 29.84 -11.84 12.30
C PHE A 38 29.55 -10.74 13.29
N GLU A 39 30.52 -9.88 13.59
CA GLU A 39 30.36 -8.94 14.67
C GLU A 39 29.63 -7.69 14.18
N ALA A 40 29.08 -6.95 15.14
CA ALA A 40 28.57 -5.63 14.82
C ALA A 40 29.75 -4.72 14.45
N GLY A 41 29.45 -3.51 14.04
CA GLY A 41 30.51 -2.59 13.74
C GLY A 41 31.44 -2.38 14.93
N ARG A 42 32.65 -1.94 14.64
CA ARG A 42 33.60 -1.59 15.68
C ARG A 42 33.81 -0.09 15.73
N GLY A 43 34.24 0.38 16.91
CA GLY A 43 34.69 1.73 17.09
C GLY A 43 33.62 2.73 17.45
N ALA A 44 32.36 2.33 17.49
CA ALA A 44 31.27 3.28 17.62
C ALA A 44 30.97 3.58 19.08
N LEU A 45 30.42 4.76 19.29
CA LEU A 45 29.90 5.17 20.57
C LEU A 45 28.66 4.36 20.95
N PRO A 46 28.33 4.34 22.24
CA PRO A 46 27.10 3.65 22.65
C PRO A 46 25.86 4.14 21.90
N ALA A 47 24.95 3.22 21.68
CA ALA A 47 23.72 3.54 20.96
C ALA A 47 22.83 4.38 21.84
N ARG A 48 22.17 5.36 21.24
CA ARG A 48 21.39 6.31 22.01
C ARG A 48 20.24 6.82 21.17
N ALA A 49 19.44 7.67 21.80
CA ALA A 49 18.34 8.29 21.10
C ALA A 49 18.85 9.34 20.14
N TYR A 50 18.07 9.52 19.09
CA TYR A 50 18.11 10.70 18.24
C TYR A 50 17.39 11.82 18.98
N LEU A 51 18.16 12.88 19.33
CA LEU A 51 17.73 13.96 20.20
C LEU A 51 17.98 15.31 19.55
N GLN A 52 16.99 16.20 19.65
CA GLN A 52 17.15 17.58 19.21
C GLN A 52 17.92 18.35 20.29
N SER A 53 19.13 18.79 19.97
CA SER A 53 20.04 19.44 20.93
C SER A 53 20.44 20.82 20.46
N ASP A 54 20.74 21.70 21.43
CA ASP A 54 21.31 23.00 21.12
C ASP A 54 22.82 22.94 20.92
N ALA A 55 23.39 21.75 20.81
CA ALA A 55 24.81 21.61 20.59
C ALA A 55 25.15 21.92 19.15
N PRO A 56 26.28 22.59 18.90
CA PRO A 56 26.65 22.90 17.52
C PRO A 56 26.68 21.68 16.63
N ARG A 57 26.21 21.85 15.40
CA ARG A 57 26.11 20.75 14.47
C ARG A 57 26.38 21.26 13.08
N LEU A 58 26.99 20.41 12.27
CA LEU A 58 27.29 20.72 10.87
C LEU A 58 26.89 19.51 10.05
N SER A 59 25.88 19.68 9.20
CA SER A 59 25.54 18.64 8.24
C SER A 59 26.62 18.59 7.16
N LEU A 60 27.17 17.39 6.95
CA LEU A 60 28.08 17.17 5.84
C LEU A 60 27.36 16.75 4.54
N ASN A 61 26.04 16.72 4.53
CA ASN A 61 25.32 16.40 3.29
C ASN A 61 25.68 17.40 2.19
N GLY A 62 25.73 16.93 0.96
CA GLY A 62 26.09 17.78 -0.15
C GLY A 62 26.76 16.96 -1.24
N GLU A 63 27.57 17.62 -2.06
CA GLU A 63 28.27 16.95 -3.15
CA GLU A 63 28.26 16.93 -3.14
C GLU A 63 29.58 16.37 -2.62
N TRP A 64 29.71 15.05 -2.66
CA TRP A 64 30.93 14.35 -2.29
C TRP A 64 31.62 13.85 -3.56
N GLN A 65 32.80 13.27 -3.39
CA GLN A 65 33.52 12.61 -4.47
C GLN A 65 33.42 11.10 -4.30
N PHE A 66 33.35 10.38 -5.41
CA PHE A 66 32.93 8.98 -5.39
C PHE A 66 33.64 8.17 -6.46
N ARG A 67 34.17 7.01 -6.06
CA ARG A 67 34.80 6.06 -6.96
C ARG A 67 34.23 4.67 -6.70
N LEU A 68 33.90 3.96 -7.77
CA LEU A 68 33.27 2.64 -7.71
C LEU A 68 34.24 1.57 -8.21
N SER A 69 34.37 0.50 -7.44
CA SER A 69 35.18 -0.63 -7.82
C SER A 69 34.29 -1.87 -7.80
N PRO A 70 34.52 -2.84 -8.70
CA PRO A 70 33.58 -3.97 -8.80
C PRO A 70 33.77 -5.04 -7.73
N GLY A 71 34.78 -4.93 -6.87
CA GLY A 71 35.00 -5.93 -5.84
C GLY A 71 36.13 -5.47 -4.93
N SER A 72 36.30 -6.16 -3.82
CA SER A 72 37.30 -5.75 -2.83
C SER A 72 38.71 -6.03 -3.33
N ARG A 73 38.88 -7.07 -4.14
CA ARG A 73 40.23 -7.45 -4.56
C ARG A 73 40.82 -6.46 -5.55
N VAL A 74 40.01 -5.57 -6.12
CA VAL A 74 40.49 -4.54 -7.01
C VAL A 74 40.24 -3.15 -6.48
N ALA A 75 39.65 -3.02 -5.31
CA ALA A 75 39.43 -1.72 -4.72
C ALA A 75 40.79 -1.11 -4.38
N PRO A 76 41.18 -0.01 -5.00
CA PRO A 76 42.54 0.52 -4.78
C PRO A 76 42.83 0.79 -3.31
N ASP A 77 44.04 0.42 -2.90
CA ASP A 77 44.60 0.89 -1.64
C ASP A 77 45.69 1.93 -1.92
N ASP A 78 45.27 3.00 -2.58
CA ASP A 78 46.16 4.03 -3.10
C ASP A 78 46.13 5.32 -2.27
N GLY A 79 45.81 5.20 -0.97
CA GLY A 79 45.90 6.35 -0.09
C GLY A 79 44.85 7.41 -0.31
N TRP A 80 43.75 7.05 -0.99
CA TRP A 80 42.69 8.00 -1.32
C TRP A 80 42.05 8.61 -0.08
N GLN A 81 42.09 7.92 1.06
CA GLN A 81 41.48 8.47 2.27
C GLN A 81 42.02 9.85 2.61
N LEU A 82 43.22 10.18 2.16
CA LEU A 82 43.79 11.50 2.41
C LEU A 82 43.24 12.57 1.48
N GLY A 83 42.50 12.19 0.45
CA GLY A 83 41.85 13.17 -0.40
C GLY A 83 42.74 13.90 -1.36
N GLU A 84 44.01 13.53 -1.44
CA GLU A 84 44.96 14.22 -2.30
C GLU A 84 45.19 13.39 -3.55
N ALA A 85 45.28 14.10 -4.68
CA ALA A 85 45.50 13.45 -5.96
C ALA A 85 44.54 12.27 -6.11
N LEU A 86 43.27 12.56 -6.41
CA LEU A 86 42.24 11.53 -6.52
C LEU A 86 42.13 11.06 -7.95
N ASN A 87 42.48 9.81 -8.17
CA ASN A 87 42.47 9.20 -9.49
C ASN A 87 41.19 8.38 -9.62
N GLY A 88 40.24 8.90 -10.38
CA GLY A 88 39.03 8.16 -10.71
C GLY A 88 37.79 8.57 -9.95
N PHE A 89 37.82 9.68 -9.23
CA PHE A 89 36.66 10.11 -8.47
C PHE A 89 35.85 11.13 -9.25
N GLU A 90 34.54 11.11 -9.02
CA GLU A 90 33.64 12.07 -9.66
C GLU A 90 32.62 12.50 -8.62
N SER A 91 31.93 13.60 -8.92
CA SER A 91 30.92 14.11 -8.01
C SER A 91 29.77 13.12 -7.85
N LEU A 92 29.20 13.06 -6.64
CA LEU A 92 28.01 12.28 -6.33
C LEU A 92 27.34 12.87 -5.09
N PRO A 93 26.02 13.06 -5.10
CA PRO A 93 25.37 13.59 -3.90
C PRO A 93 25.36 12.57 -2.79
N VAL A 94 25.42 13.08 -1.57
CA VAL A 94 25.28 12.28 -0.36
C VAL A 94 24.34 13.05 0.56
N PRO A 95 23.28 12.45 1.10
CA PRO A 95 22.92 11.03 1.01
C PRO A 95 22.49 10.62 -0.40
N SER A 96 22.71 9.34 -0.72
CA SER A 96 22.32 8.80 -2.02
C SER A 96 22.27 7.27 -1.96
N SER A 97 21.47 6.71 -2.85
CA SER A 97 21.57 5.30 -3.24
C SER A 97 22.32 5.28 -4.56
N TRP A 98 23.57 4.81 -4.55
CA TRP A 98 24.38 5.20 -5.69
C TRP A 98 23.93 4.56 -7.02
N PRO A 99 23.26 3.40 -7.03
CA PRO A 99 22.74 2.87 -8.31
C PRO A 99 21.66 3.74 -8.91
N MET A 100 21.08 4.68 -8.15
CA MET A 100 20.11 5.61 -8.69
C MET A 100 20.75 6.74 -9.48
N HIS A 101 22.09 6.75 -9.59
CA HIS A 101 22.82 7.81 -10.28
C HIS A 101 23.80 7.24 -11.29
N GLY A 102 23.48 6.09 -11.87
CA GLY A 102 24.27 5.54 -12.96
C GLY A 102 25.43 4.68 -12.54
N HIS A 103 25.61 4.45 -11.25
CA HIS A 103 26.73 3.64 -10.77
C HIS A 103 26.17 2.26 -10.51
N GLY A 104 26.43 1.36 -11.44
CA GLY A 104 25.69 0.11 -11.43
C GLY A 104 24.22 0.36 -11.74
N ALA A 105 23.37 -0.52 -11.21
CA ALA A 105 21.94 -0.41 -11.43
C ALA A 105 21.18 -0.95 -10.23
N PRO A 106 19.97 -0.47 -9.99
CA PRO A 106 19.12 -1.13 -8.99
C PRO A 106 18.87 -2.57 -9.37
N ALA A 107 18.69 -3.40 -8.35
CA ALA A 107 18.37 -4.81 -8.56
C ALA A 107 17.28 -5.24 -7.58
N TYR A 108 16.25 -5.92 -8.08
CA TYR A 108 15.13 -6.30 -7.22
C TYR A 108 15.01 -7.82 -7.12
N THR A 109 15.15 -8.34 -5.90
CA THR A 109 14.67 -9.68 -5.58
C THR A 109 13.68 -9.57 -4.45
N ASN A 110 12.78 -10.54 -4.39
CA ASN A 110 11.81 -10.62 -3.29
C ASN A 110 12.42 -11.45 -2.15
N VAL A 111 12.34 -12.77 -2.29
CA VAL A 111 12.89 -13.69 -1.31
C VAL A 111 14.32 -14.07 -1.65
N GLN A 112 14.55 -14.42 -2.90
CA GLN A 112 15.83 -15.02 -3.28
C GLN A 112 16.96 -14.03 -3.06
N PHE A 113 18.05 -14.56 -2.53
CA PHE A 113 19.26 -13.76 -2.43
C PHE A 113 19.89 -13.68 -3.81
N PRO A 114 20.54 -12.56 -4.14
CA PRO A 114 21.20 -12.44 -5.44
C PRO A 114 22.61 -12.97 -5.48
N PHE A 115 23.04 -13.61 -4.41
CA PHE A 115 24.36 -14.20 -4.29
C PHE A 115 24.17 -15.59 -3.73
N ALA A 116 25.15 -16.44 -3.96
CA ALA A 116 25.14 -17.75 -3.36
C ALA A 116 24.98 -17.65 -1.86
N VAL A 117 24.20 -18.57 -1.31
CA VAL A 117 23.89 -18.58 0.10
C VAL A 117 24.92 -19.45 0.78
N GLU A 118 25.90 -18.78 1.40
CA GLU A 118 26.97 -19.46 2.14
C GLU A 118 27.51 -18.50 3.18
N PRO A 119 26.69 -18.15 4.17
CA PRO A 119 27.11 -17.14 5.13
C PRO A 119 28.36 -17.60 5.86
N PRO A 120 29.27 -16.67 6.19
CA PRO A 120 29.14 -15.21 6.00
C PRO A 120 29.76 -14.68 4.71
N HIS A 121 29.94 -15.54 3.72
CA HIS A 121 30.81 -15.20 2.60
C HIS A 121 30.11 -14.29 1.60
N VAL A 122 30.90 -13.44 0.96
CA VAL A 122 30.36 -12.47 0.00
C VAL A 122 30.78 -12.84 -1.42
N PRO A 123 30.02 -12.46 -2.43
CA PRO A 123 30.42 -12.78 -3.81
C PRO A 123 31.59 -11.93 -4.25
N GLU A 124 32.27 -12.41 -5.30
CA GLU A 124 33.39 -11.67 -5.86
C GLU A 124 32.92 -10.35 -6.45
N ALA A 125 31.75 -10.36 -7.06
CA ALA A 125 31.14 -9.17 -7.64
C ALA A 125 30.40 -8.46 -6.52
N ASN A 126 31.06 -7.45 -5.96
CA ASN A 126 30.57 -6.74 -4.79
C ASN A 126 30.95 -5.27 -4.94
N PRO A 127 30.04 -4.45 -5.44
CA PRO A 127 30.34 -3.02 -5.62
C PRO A 127 30.92 -2.37 -4.36
N ILE A 128 32.11 -1.79 -4.49
CA ILE A 128 32.77 -1.03 -3.43
C ILE A 128 32.75 0.45 -3.80
N GLY A 129 32.07 1.26 -2.98
CA GLY A 129 31.96 2.68 -3.24
C GLY A 129 32.79 3.52 -2.28
N ASP A 130 33.83 4.19 -2.77
CA ASP A 130 34.67 5.02 -1.93
C ASP A 130 34.16 6.46 -1.97
N HIS A 131 33.84 7.00 -0.79
CA HIS A 131 33.26 8.34 -0.66
C HIS A 131 34.20 9.27 0.10
N LEU A 132 34.28 10.51 -0.35
CA LEU A 132 35.20 11.49 0.22
C LEU A 132 34.57 12.87 0.25
N VAL A 133 34.70 13.55 1.39
CA VAL A 133 34.27 14.94 1.47
C VAL A 133 35.25 15.72 2.32
N VAL A 134 35.38 16.99 1.98
CA VAL A 134 36.22 17.93 2.72
C VAL A 134 35.29 18.96 3.34
N PHE A 135 35.56 19.30 4.59
CA PHE A 135 34.73 20.24 5.33
C PHE A 135 35.59 20.98 6.34
N GLU A 136 35.01 22.02 6.93
CA GLU A 136 35.71 22.91 7.84
C GLU A 136 35.10 22.81 9.23
N ALA A 137 35.96 22.67 10.24
CA ALA A 137 35.52 22.50 11.62
C ALA A 137 36.02 23.70 12.44
N GLY A 138 35.09 24.54 12.90
CA GLY A 138 35.43 25.68 13.72
C GLY A 138 35.55 25.31 15.18
N PRO A 139 35.90 26.31 15.99
CA PRO A 139 36.18 26.05 17.42
C PRO A 139 34.99 25.53 18.21
N GLU A 140 33.76 25.65 17.69
CA GLU A 140 32.59 25.07 18.34
C GLU A 140 32.70 23.57 18.52
N PHE A 141 33.54 22.91 17.71
CA PHE A 141 33.60 21.47 17.67
C PHE A 141 34.80 20.91 18.43
N PHE A 142 35.39 21.72 19.30
CA PHE A 142 36.56 21.35 20.06
C PHE A 142 36.35 21.74 21.52
N PRO A 143 36.85 20.95 22.45
CA PRO A 143 37.63 19.71 22.23
C PRO A 143 36.85 18.49 21.73
N HIS A 144 35.58 18.31 22.08
CA HIS A 144 34.88 17.05 21.83
C HIS A 144 33.84 17.19 20.72
N ALA A 145 33.83 16.21 19.82
CA ALA A 145 32.83 16.15 18.76
C ALA A 145 32.71 14.71 18.31
N LEU A 146 31.66 14.44 17.51
CA LEU A 146 31.45 13.13 16.92
C LEU A 146 30.94 13.31 15.50
N LEU A 147 31.06 12.23 14.72
CA LEU A 147 30.42 12.11 13.41
C LEU A 147 29.30 11.08 13.51
N ARG A 148 28.13 11.44 12.99
CA ARG A 148 26.96 10.57 13.02
C ARG A 148 26.56 10.20 11.60
N PHE A 149 26.32 8.90 11.38
CA PHE A 149 25.86 8.33 10.11
C PHE A 149 24.51 7.68 10.36
N ASP A 150 23.46 8.16 9.69
CA ASP A 150 22.13 7.63 9.99
C ASP A 150 21.73 6.46 9.10
N GLY A 151 22.52 6.16 8.08
CA GLY A 151 22.36 4.92 7.35
C GLY A 151 23.40 4.67 6.30
N ILE A 152 23.95 3.45 6.26
CA ILE A 152 24.90 3.02 5.23
C ILE A 152 24.54 1.59 4.83
N GLU A 153 24.29 1.36 3.53
CA GLU A 153 23.96 0.01 3.04
C GLU A 153 25.14 -0.54 2.22
N SER A 154 25.76 -1.66 2.66
CA SER A 154 25.48 -2.41 3.90
C SER A 154 26.65 -2.37 4.90
N ALA A 155 27.86 -2.04 4.47
CA ALA A 155 29.03 -2.10 5.35
C ALA A 155 29.91 -0.90 5.11
N GLY A 156 30.09 -0.06 6.13
CA GLY A 156 30.91 1.13 6.01
C GLY A 156 32.18 0.96 6.82
N THR A 157 33.27 1.49 6.26
CA THR A 157 34.51 1.77 6.97
C THR A 157 34.76 3.27 6.85
N VAL A 158 35.11 3.92 7.95
CA VAL A 158 35.15 5.36 8.04
C VAL A 158 36.53 5.80 8.50
N TRP A 159 37.13 6.76 7.77
CA TRP A 159 38.39 7.39 8.13
C TRP A 159 38.18 8.90 8.21
N LEU A 160 38.85 9.53 9.16
CA LEU A 160 38.91 10.98 9.24
C LEU A 160 40.37 11.37 9.24
N ASN A 161 40.77 12.17 8.26
CA ASN A 161 42.16 12.58 8.11
C ASN A 161 43.09 11.37 8.13
N GLY A 162 42.65 10.28 7.51
CA GLY A 162 43.45 9.07 7.41
C GLY A 162 43.37 8.15 8.60
N VAL A 163 42.74 8.57 9.70
CA VAL A 163 42.63 7.75 10.91
C VAL A 163 41.34 6.97 10.83
N GLU A 164 41.43 5.64 10.90
CA GLU A 164 40.22 4.83 10.85
C GLU A 164 39.41 5.01 12.12
N LEU A 165 38.13 5.37 11.96
CA LEU A 165 37.26 5.48 13.13
C LEU A 165 36.62 4.16 13.48
N GLY A 166 36.16 3.42 12.48
CA GLY A 166 35.56 2.13 12.73
C GLY A 166 34.68 1.76 11.54
N THR A 167 33.71 0.91 11.82
CA THR A 167 32.83 0.33 10.81
C THR A 167 31.39 0.39 11.28
N THR A 168 30.49 0.14 10.31
CA THR A 168 29.05 0.18 10.52
C THR A 168 28.42 -1.08 9.97
N ARG A 169 27.51 -1.64 10.76
CA ARG A 169 26.65 -2.76 10.41
C ARG A 169 25.25 -2.45 10.90
N GLY A 170 24.26 -2.86 10.11
CA GLY A 170 22.88 -2.48 10.36
C GLY A 170 22.54 -1.32 9.46
N SER A 171 22.02 -1.61 8.26
CA SER A 171 22.08 -0.60 7.21
C SER A 171 21.13 0.55 7.46
N ARG A 172 20.03 0.32 8.16
CA ARG A 172 19.09 1.39 8.45
C ARG A 172 19.20 1.88 9.89
N LEU A 173 20.33 1.61 10.54
CA LEU A 173 20.57 2.02 11.91
C LEU A 173 21.64 3.11 11.97
N ALA A 174 21.64 3.87 13.06
CA ALA A 174 22.58 4.97 13.20
C ALA A 174 23.87 4.50 13.86
N HIS A 175 24.97 5.15 13.47
CA HIS A 175 26.27 4.95 14.11
C HIS A 175 26.94 6.29 14.35
N GLU A 176 27.60 6.40 15.51
CA GLU A 176 28.28 7.62 15.87
C GLU A 176 29.71 7.27 16.24
N PHE A 177 30.67 8.13 15.84
CA PHE A 177 32.09 7.93 16.09
C PHE A 177 32.70 9.16 16.74
N ASP A 178 33.40 8.96 17.85
CA ASP A 178 34.12 10.05 18.51
C ASP A 178 35.30 10.49 17.66
N VAL A 179 35.35 11.78 17.32
CA VAL A 179 36.47 12.33 16.53
C VAL A 179 37.38 13.20 17.38
N SER A 180 37.21 13.17 18.70
CA SER A 180 38.04 13.98 19.58
C SER A 180 39.51 13.63 19.43
N GLY A 181 40.34 14.62 19.11
CA GLY A 181 41.75 14.38 18.88
C GLY A 181 42.08 13.90 17.49
N ILE A 182 41.08 13.62 16.66
CA ILE A 182 41.27 13.32 15.26
C ILE A 182 40.79 14.47 14.39
N LEU A 183 39.60 14.97 14.67
CA LEU A 183 39.17 16.23 14.07
C LEU A 183 40.21 17.30 14.39
N GLU A 184 40.65 18.01 13.35
CA GLU A 184 41.55 19.14 13.45
C GLU A 184 40.81 20.41 13.10
N GLN A 185 41.21 21.51 13.75
CA GLN A 185 40.59 22.80 13.50
C GLN A 185 40.86 23.22 12.06
N GLY A 186 39.82 23.73 11.41
CA GLY A 186 39.93 24.09 10.00
C GLY A 186 39.52 22.90 9.13
N GLU A 187 40.34 22.61 8.13
CA GLU A 187 39.97 21.64 7.10
C GLU A 187 40.12 20.21 7.60
N ASN A 188 39.15 19.36 7.20
CA ASN A 188 39.15 17.93 7.52
C ASN A 188 38.68 17.16 6.29
N THR A 189 39.17 15.92 6.17
CA THR A 189 38.84 15.03 5.06
C THR A 189 38.21 13.76 5.61
N LEU A 190 36.96 13.53 5.21
CA LEU A 190 36.21 12.35 5.63
C LEU A 190 36.16 11.36 4.47
N ALA A 191 36.55 10.12 4.74
CA ALA A 191 36.56 9.07 3.74
C ALA A 191 35.71 7.91 4.23
N VAL A 192 34.86 7.37 3.33
CA VAL A 192 34.01 6.24 3.69
C VAL A 192 34.04 5.26 2.54
N ARG A 193 34.49 4.03 2.82
CA ARG A 193 34.40 2.92 1.90
C ARG A 193 33.17 2.09 2.25
N VAL A 194 32.30 1.88 1.26
CA VAL A 194 31.02 1.22 1.47
C VAL A 194 31.00 0.00 0.55
N ALA A 195 30.84 -1.17 1.12
CA ALA A 195 30.60 -2.37 0.33
C ALA A 195 29.10 -2.63 0.25
N GLN A 196 28.60 -2.93 -0.94
CA GLN A 196 27.19 -3.29 -1.07
C GLN A 196 26.89 -4.54 -0.23
N PHE A 197 27.61 -5.62 -0.48
CA PHE A 197 27.34 -6.89 0.18
C PHE A 197 28.31 -7.11 1.32
N SER A 198 27.79 -7.69 2.40
CA SER A 198 28.59 -8.09 3.53
C SER A 198 27.86 -9.23 4.21
N ALA A 199 28.46 -9.77 5.26
CA ALA A 199 27.73 -10.76 6.07
C ALA A 199 26.35 -10.24 6.41
N ALA A 200 26.23 -8.93 6.66
CA ALA A 200 24.96 -8.33 7.03
C ALA A 200 23.88 -8.49 5.94
N SER A 201 24.27 -8.65 4.68
CA SER A 201 23.26 -8.85 3.63
C SER A 201 22.42 -10.08 3.90
N TYR A 202 22.98 -11.08 4.58
CA TYR A 202 22.20 -12.26 4.91
C TYR A 202 21.08 -11.99 5.92
N VAL A 203 21.13 -10.87 6.66
CA VAL A 203 20.07 -10.53 7.59
C VAL A 203 19.30 -9.31 7.14
N GLU A 204 19.48 -8.90 5.88
CA GLU A 204 18.80 -7.75 5.30
C GLU A 204 18.16 -8.14 3.96
N ASP A 205 17.34 -9.19 3.99
CA ASP A 205 16.74 -9.74 2.78
C ASP A 205 15.29 -9.31 2.63
N GLN A 206 15.00 -8.05 2.91
CA GLN A 206 13.65 -7.54 2.70
C GLN A 206 13.27 -7.62 1.23
N ASP A 207 11.97 -7.73 0.99
CA ASP A 207 11.42 -7.66 -0.37
C ASP A 207 11.41 -6.23 -0.90
N MET A 208 12.44 -5.84 -1.64
CA MET A 208 12.69 -4.44 -1.98
C MET A 208 13.94 -4.36 -2.84
N TRP A 209 14.26 -3.17 -3.35
CA TRP A 209 15.44 -3.02 -4.19
C TRP A 209 16.69 -3.13 -3.32
N TRP A 210 17.71 -3.82 -3.84
CA TRP A 210 19.05 -3.77 -3.28
C TRP A 210 19.73 -2.48 -3.72
N LEU A 211 20.17 -1.66 -2.76
CA LEU A 211 20.61 -0.29 -3.05
C LEU A 211 21.71 0.13 -2.11
N PRO A 212 22.97 -0.10 -2.46
CA PRO A 212 24.06 0.41 -1.62
C PRO A 212 24.13 1.93 -1.61
N GLY A 213 24.67 2.46 -0.53
CA GLY A 213 24.98 3.88 -0.49
C GLY A 213 24.98 4.42 0.92
N ILE A 214 25.48 5.65 1.04
CA ILE A 214 25.35 6.44 2.26
C ILE A 214 24.05 7.22 2.06
N PHE A 215 22.93 6.63 2.50
CA PHE A 215 21.61 7.03 2.04
C PHE A 215 20.83 7.85 3.06
N ARG A 216 21.45 8.19 4.19
CA ARG A 216 20.89 9.10 5.17
C ARG A 216 22.01 9.99 5.71
N ASP A 217 21.61 10.92 6.57
CA ASP A 217 22.42 12.06 6.97
C ASP A 217 23.78 11.67 7.51
N VAL A 218 24.75 12.54 7.23
CA VAL A 218 26.06 12.53 7.86
C VAL A 218 26.20 13.87 8.56
N THR A 219 26.44 13.84 9.88
CA THR A 219 26.37 15.04 10.68
C THR A 219 27.57 15.07 11.62
N LEU A 220 28.22 16.23 11.69
CA LEU A 220 29.24 16.52 12.71
C LEU A 220 28.55 17.20 13.87
N GLN A 221 28.66 16.63 15.07
CA GLN A 221 28.02 17.22 16.24
C GLN A 221 29.04 17.51 17.34
N ALA A 222 28.99 18.71 17.89
CA ALA A 222 29.83 19.02 19.04
C ALA A 222 29.26 18.34 20.27
N ARG A 223 30.16 17.90 21.17
CA ARG A 223 29.75 17.31 22.45
C ARG A 223 30.36 18.16 23.56
N PRO A 224 29.72 19.28 23.89
CA PRO A 224 30.25 20.11 24.97
C PRO A 224 30.23 19.38 26.30
N ALA A 225 31.22 19.73 27.12
CA ALA A 225 31.28 19.22 28.49
C ALA A 225 29.98 19.53 29.22
N ALA A 226 29.67 18.71 30.22
CA ALA A 226 28.48 18.90 31.02
C ALA A 226 27.23 18.86 30.17
N GLY A 227 27.25 18.04 29.12
CA GLY A 227 26.15 17.89 28.20
C GLY A 227 25.27 16.70 28.53
N ILE A 228 24.45 16.32 27.55
CA ILE A 228 23.48 15.23 27.68
C ILE A 228 23.68 14.30 26.50
N ASP A 229 24.06 13.05 26.77
CA ASP A 229 24.17 12.10 25.66
C ASP A 229 22.83 11.46 25.32
N ASP A 230 22.09 10.99 26.32
CA ASP A 230 20.91 10.20 26.06
C ASP A 230 19.79 10.66 26.98
N VAL A 231 18.55 10.47 26.53
CA VAL A 231 17.35 10.78 27.30
C VAL A 231 16.37 9.65 27.10
N PHE A 232 15.62 9.32 28.15
CA PHE A 232 14.56 8.31 28.04
C PHE A 232 13.31 8.87 28.69
N VAL A 233 12.32 9.21 27.86
CA VAL A 233 11.06 9.81 28.30
C VAL A 233 10.12 8.69 28.69
N HIS A 234 9.57 8.79 29.90
CA HIS A 234 8.49 7.90 30.32
C HIS A 234 7.30 8.79 30.63
N ALA A 235 6.25 8.69 29.82
CA ALA A 235 5.08 9.55 29.97
C ALA A 235 3.85 8.66 29.91
N GLY A 236 3.41 8.23 31.05
CA GLY A 236 2.24 7.39 31.14
C GLY A 236 0.97 8.19 31.38
N TYR A 237 -0.16 7.52 31.22
CA TYR A 237 -1.45 8.15 31.44
C TYR A 237 -2.32 7.24 32.29
N ASP A 238 -2.94 7.82 33.31
CA ASP A 238 -3.90 7.13 34.17
C ASP A 238 -5.29 7.53 33.68
N HIS A 239 -5.93 6.65 32.91
CA HIS A 239 -7.22 6.99 32.33
C HIS A 239 -8.32 7.08 33.37
N ILE A 240 -8.13 6.56 34.57
CA ILE A 240 -9.13 6.72 35.62
C ILE A 240 -9.04 8.11 36.25
N THR A 241 -7.84 8.51 36.68
CA THR A 241 -7.68 9.82 37.31
C THR A 241 -7.40 10.94 36.33
N GLY A 242 -7.01 10.63 35.09
CA GLY A 242 -6.53 11.63 34.17
C GLY A 242 -5.14 12.19 34.47
N GLU A 243 -4.42 11.62 35.45
CA GLU A 243 -3.07 12.09 35.74
C GLU A 243 -2.11 11.64 34.65
N GLY A 244 -1.04 12.40 34.47
CA GLY A 244 0.12 11.93 33.74
C GLY A 244 1.16 11.39 34.71
N ILE A 245 1.89 10.38 34.28
CA ILE A 245 2.98 9.82 35.08
C ILE A 245 4.24 10.06 34.28
N LEU A 246 5.06 11.00 34.75
CA LEU A 246 6.18 11.48 33.98
C LEU A 246 7.50 11.16 34.69
N LYS A 247 8.44 10.62 33.93
CA LYS A 247 9.82 10.51 34.40
C LYS A 247 10.73 10.64 33.19
N VAL A 248 11.67 11.56 33.25
CA VAL A 248 12.58 11.81 32.14
C VAL A 248 13.98 11.50 32.63
N GLU A 249 14.56 10.41 32.14
CA GLU A 249 15.92 10.04 32.45
C GLU A 249 16.88 10.74 31.51
N ALA A 250 18.03 11.12 32.03
CA ALA A 250 19.07 11.76 31.25
C ALA A 250 20.43 11.27 31.73
N SER A 251 21.33 11.04 30.78
CA SER A 251 22.61 10.48 31.11
C SER A 251 23.69 11.04 30.20
N ARG A 252 24.93 10.91 30.67
CA ARG A 252 26.14 11.30 29.98
C ARG A 252 27.10 10.14 30.15
N GLY A 253 27.72 9.69 29.07
CA GLY A 253 28.61 8.55 29.14
C GLY A 253 28.01 7.33 29.83
N GLY A 254 26.72 7.11 29.67
CA GLY A 254 26.06 5.97 30.27
C GLY A 254 25.73 6.09 31.73
N GLN A 255 25.94 7.25 32.34
CA GLN A 255 25.63 7.46 33.75
C GLN A 255 24.58 8.54 33.87
N ALA A 256 23.63 8.33 34.78
CA ALA A 256 22.60 9.33 35.03
C ALA A 256 23.24 10.62 35.51
N ILE A 257 22.66 11.76 35.13
CA ILE A 257 23.21 13.06 35.47
C ILE A 257 22.11 13.99 35.98
N ASP A 258 22.56 15.02 36.69
CA ASP A 258 21.73 16.12 37.11
C ASP A 258 21.29 16.88 35.88
N ALA A 259 19.99 16.95 35.68
CA ALA A 259 19.43 17.79 34.64
C ALA A 259 18.08 18.25 35.13
N VAL A 260 17.62 19.36 34.57
CA VAL A 260 16.33 19.91 34.90
C VAL A 260 15.39 19.70 33.74
N VAL A 261 14.17 19.27 34.04
CA VAL A 261 13.13 19.03 33.05
C VAL A 261 12.08 20.11 33.25
N ARG A 262 11.81 20.87 32.20
CA ARG A 262 10.80 21.91 32.23
C ARG A 262 9.73 21.59 31.19
N VAL A 263 8.47 21.70 31.59
CA VAL A 263 7.31 21.48 30.72
C VAL A 263 6.40 22.68 30.95
N PRO A 264 6.59 23.78 30.21
CA PRO A 264 5.87 25.01 30.59
C PRO A 264 4.36 24.85 30.61
N GLU A 265 3.79 24.27 29.55
CA GLU A 265 2.34 24.19 29.46
C GLU A 265 1.72 23.56 30.70
N LEU A 266 2.42 22.62 31.35
CA LEU A 266 1.92 21.93 32.54
C LEU A 266 2.47 22.49 33.87
N ALA A 267 3.15 23.63 33.84
CA ALA A 267 3.65 24.32 35.04
C ALA A 267 4.58 23.43 35.88
N LEU A 268 5.45 22.69 35.20
CA LEU A 268 6.30 21.68 35.82
C LEU A 268 7.75 22.08 35.77
N GLU A 269 8.43 21.87 36.89
CA GLU A 269 9.89 21.84 36.88
C GLU A 269 10.30 20.71 37.81
N LEU A 270 11.02 19.75 37.25
CA LEU A 270 11.40 18.57 37.99
C LEU A 270 12.80 18.17 37.57
N ALA A 271 13.43 17.40 38.43
CA ALA A 271 14.74 16.83 38.12
C ALA A 271 14.57 15.67 37.15
N ALA A 272 15.50 15.55 36.21
CA ALA A 272 15.62 14.30 35.48
C ALA A 272 15.82 13.18 36.48
N GLY A 273 15.23 12.03 36.19
CA GLY A 273 15.40 10.84 36.99
C GLY A 273 14.35 10.58 38.05
N THR A 274 13.43 11.50 38.28
CA THR A 274 12.39 11.31 39.28
C THR A 274 11.02 11.26 38.62
N GLU A 275 10.19 10.33 39.11
CA GLU A 275 8.84 10.15 38.62
C GLU A 275 7.88 11.04 39.40
N VAL A 276 7.03 11.76 38.68
CA VAL A 276 6.04 12.64 39.27
C VAL A 276 4.67 12.35 38.66
N ARG A 277 3.64 12.66 39.42
CA ARG A 277 2.26 12.57 38.98
C ARG A 277 1.74 13.96 38.61
N VAL A 278 1.45 14.15 37.33
CA VAL A 278 0.89 15.40 36.84
C VAL A 278 -0.63 15.35 37.04
N PRO A 279 -1.24 16.31 37.73
CA PRO A 279 -2.64 16.12 38.14
C PRO A 279 -3.60 15.90 36.98
N ALA A 280 -3.40 16.55 35.85
CA ALA A 280 -4.31 16.42 34.71
C ALA A 280 -3.49 16.65 33.45
N VAL A 281 -3.53 15.69 32.55
CA VAL A 281 -2.91 15.84 31.24
C VAL A 281 -3.95 15.45 30.19
N GLU A 282 -3.77 15.97 28.99
CA GLU A 282 -4.60 15.52 27.85
C GLU A 282 -3.85 14.41 27.13
N PRO A 283 -4.40 13.20 27.08
CA PRO A 283 -3.59 12.06 26.61
C PRO A 283 -3.36 12.07 25.11
N TRP A 284 -2.25 11.44 24.71
CA TRP A 284 -1.89 11.31 23.31
C TRP A 284 -2.56 10.08 22.68
N SER A 285 -3.08 10.26 21.47
CA SER A 285 -3.50 9.13 20.64
C SER A 285 -3.37 9.52 19.18
N ALA A 286 -3.46 8.52 18.29
CA ALA A 286 -3.52 8.84 16.87
C ALA A 286 -4.65 9.82 16.57
N GLU A 287 -5.77 9.72 17.30
CA GLU A 287 -6.91 10.58 17.01
C GLU A 287 -6.67 12.00 17.50
N VAL A 288 -6.06 12.14 18.68
CA VAL A 288 -5.84 13.42 19.33
C VAL A 288 -4.38 13.43 19.79
N PRO A 289 -3.42 13.80 18.91
CA PRO A 289 -2.01 13.57 19.21
C PRO A 289 -1.42 14.74 20.01
N LYS A 290 -2.03 14.99 21.16
CA LYS A 290 -1.59 16.04 22.05
C LYS A 290 -0.12 15.87 22.36
N LEU A 291 0.65 16.92 22.17
CA LEU A 291 2.06 16.92 22.53
C LEU A 291 2.38 18.12 23.41
N TYR A 292 3.17 17.88 24.46
CA TYR A 292 3.65 18.94 25.32
C TYR A 292 5.14 19.20 25.05
N GLU A 293 5.47 20.45 24.73
CA GLU A 293 6.85 20.84 24.55
C GLU A 293 7.58 20.78 25.88
N ALA A 294 8.79 20.22 25.85
CA ALA A 294 9.57 20.08 27.06
C ALA A 294 11.04 20.25 26.72
N ALA A 295 11.82 20.62 27.72
CA ALA A 295 13.26 20.71 27.57
C ALA A 295 13.91 20.07 28.78
N VAL A 296 14.94 19.29 28.54
CA VAL A 296 15.78 18.75 29.59
C VAL A 296 17.17 19.32 29.36
N SER A 297 17.77 19.87 30.41
CA SER A 297 18.99 20.63 30.18
C SER A 297 19.96 20.47 31.34
N ALA A 298 21.21 20.37 30.96
CA ALA A 298 22.37 20.38 31.82
C ALA A 298 23.12 21.68 31.55
N ALA A 299 24.22 21.91 32.29
CA ALA A 299 24.92 23.18 32.15
C ALA A 299 25.40 23.37 30.71
N GLY A 300 25.83 22.30 30.06
CA GLY A 300 26.45 22.42 28.77
C GLY A 300 25.57 22.13 27.58
N GLU A 301 24.32 21.71 27.78
CA GLU A 301 23.54 21.28 26.63
C GLU A 301 22.09 21.16 27.03
N SER A 302 21.21 21.40 26.06
CA SER A 302 19.77 21.37 26.27
C SER A 302 19.15 20.56 25.15
N VAL A 303 18.24 19.65 25.51
CA VAL A 303 17.54 18.79 24.55
C VAL A 303 16.05 19.13 24.56
N ALA A 304 15.46 19.28 23.37
CA ALA A 304 14.08 19.67 23.22
C ALA A 304 13.24 18.45 22.87
N LEU A 305 12.20 18.21 23.66
CA LEU A 305 11.35 17.03 23.52
C LEU A 305 9.91 17.42 23.25
N GLN A 306 9.19 16.51 22.61
CA GLN A 306 7.73 16.57 22.53
C GLN A 306 7.19 15.35 23.27
N ILE A 307 6.42 15.60 24.32
CA ILE A 307 5.95 14.53 25.20
C ILE A 307 4.48 14.28 24.94
N GLY A 308 4.15 13.02 24.67
CA GLY A 308 2.77 12.59 24.58
C GLY A 308 2.44 11.59 25.65
N PHE A 309 1.50 11.91 26.52
CA PHE A 309 1.19 11.02 27.62
C PHE A 309 0.26 9.92 27.14
N ARG A 310 0.73 8.67 27.18
CA ARG A 310 -0.13 7.57 26.81
C ARG A 310 0.46 6.30 27.39
N SER A 311 -0.42 5.43 27.86
CA SER A 311 -0.06 4.10 28.33
C SER A 311 -0.66 3.01 27.46
N ILE A 312 0.15 1.97 27.20
CA ILE A 312 -0.19 0.84 26.37
C ILE A 312 -0.34 -0.38 27.27
N ALA A 313 -1.41 -1.15 27.09
CA ALA A 313 -1.63 -2.29 27.96
C ALA A 313 -2.42 -3.35 27.21
N ILE A 314 -2.14 -4.60 27.54
CA ILE A 314 -2.86 -5.73 27.01
C ILE A 314 -3.71 -6.26 28.16
N GLU A 315 -5.01 -6.27 27.96
CA GLU A 315 -5.97 -6.63 28.99
C GLU A 315 -7.15 -7.32 28.32
N ASP A 316 -7.57 -8.47 28.86
CA ASP A 316 -8.69 -9.23 28.33
C ASP A 316 -8.49 -9.53 26.85
N ALA A 317 -7.28 -9.96 26.49
CA ALA A 317 -6.93 -10.31 25.11
C ALA A 317 -7.23 -9.17 24.14
N GLN A 318 -7.06 -7.94 24.63
CA GLN A 318 -7.22 -6.73 23.84
C GLN A 318 -6.00 -5.82 23.97
N PHE A 319 -5.65 -5.19 22.87
CA PHE A 319 -4.58 -4.20 22.85
C PHE A 319 -5.19 -2.84 23.15
N LYS A 320 -4.83 -2.24 24.30
CA LYS A 320 -5.49 -1.02 24.74
C LYS A 320 -4.49 0.10 24.94
N VAL A 321 -4.90 1.28 24.54
CA VAL A 321 -4.17 2.52 24.76
C VAL A 321 -5.08 3.38 25.61
N ASN A 322 -4.52 3.94 26.70
CA ASN A 322 -5.22 4.83 27.61
C ASN A 322 -6.57 4.25 28.05
N GLY A 323 -6.57 2.95 28.33
CA GLY A 323 -7.72 2.30 28.90
C GLY A 323 -8.74 1.82 27.87
N ARG A 324 -8.51 2.07 26.58
CA ARG A 324 -9.48 1.66 25.54
C ARG A 324 -8.88 0.75 24.49
N ARG A 325 -9.60 -0.31 24.17
CA ARG A 325 -9.19 -1.04 22.91
CA ARG A 325 -9.17 -1.03 22.91
C ARG A 325 -9.28 -0.14 21.60
N ILE A 326 -8.20 -0.16 20.84
CA ILE A 326 -8.12 0.66 19.64
C ILE A 326 -8.24 -0.24 18.41
N LEU A 327 -8.63 0.36 17.31
CA LEU A 327 -8.67 -0.34 16.03
C LEU A 327 -7.59 0.23 15.12
N LEU A 328 -6.62 -0.59 14.76
CA LEU A 328 -5.55 -0.18 13.88
C LEU A 328 -6.02 -0.21 12.42
N ARG A 329 -5.93 0.94 11.76
CA ARG A 329 -6.24 1.13 10.36
C ARG A 329 -4.91 1.47 9.67
N GLY A 330 -4.16 0.43 9.30
CA GLY A 330 -2.74 0.57 9.08
C GLY A 330 -2.27 0.34 7.65
N VAL A 331 -1.04 0.79 7.41
CA VAL A 331 -0.28 0.43 6.21
C VAL A 331 1.15 0.06 6.57
N ASN A 332 1.74 -0.77 5.72
CA ASN A 332 3.16 -1.03 5.76
C ASN A 332 3.90 0.00 4.91
N ARG A 333 4.80 0.77 5.54
CA ARG A 333 5.49 1.88 4.89
C ARG A 333 6.97 1.51 4.70
N HIS A 334 7.34 1.23 3.46
CA HIS A 334 8.74 1.23 3.04
C HIS A 334 9.21 2.64 2.74
N GLU A 335 10.54 2.80 2.66
CA GLU A 335 11.12 4.09 2.28
C GLU A 335 11.63 3.94 0.86
N HIS A 336 11.00 4.66 -0.07
CA HIS A 336 11.36 4.53 -1.47
C HIS A 336 10.99 5.80 -2.22
N HIS A 337 11.80 6.11 -3.22
CA HIS A 337 11.58 7.26 -4.04
C HIS A 337 11.96 6.82 -5.44
N PRO A 338 11.14 7.14 -6.46
CA PRO A 338 11.36 6.55 -7.79
C PRO A 338 12.60 7.06 -8.48
N ARG A 339 13.20 8.14 -8.00
CA ARG A 339 14.43 8.66 -8.58
C ARG A 339 15.60 8.66 -7.61
N LEU A 340 15.36 8.64 -6.30
CA LEU A 340 16.44 8.71 -5.33
C LEU A 340 16.61 7.46 -4.49
N GLY A 341 15.79 6.44 -4.71
CA GLY A 341 16.03 5.16 -4.05
C GLY A 341 15.55 5.19 -2.61
N ARG A 342 16.44 4.84 -1.69
CA ARG A 342 16.09 4.84 -0.29
C ARG A 342 16.12 6.23 0.32
N VAL A 343 16.54 7.25 -0.44
CA VAL A 343 16.50 8.62 0.03
C VAL A 343 15.10 9.17 -0.22
N VAL A 344 14.36 9.44 0.86
CA VAL A 344 13.02 9.97 0.75
C VAL A 344 13.06 11.44 1.22
N PRO A 345 12.97 12.41 0.31
CA PRO A 345 13.00 13.82 0.72
C PRO A 345 11.92 14.15 1.72
N ARG A 346 12.25 15.08 2.62
CA ARG A 346 11.37 15.38 3.75
C ARG A 346 10.00 15.88 3.26
N ASP A 347 9.97 16.68 2.21
CA ASP A 347 8.67 17.14 1.71
C ASP A 347 7.80 15.98 1.23
N VAL A 348 8.41 14.92 0.70
CA VAL A 348 7.66 13.72 0.28
C VAL A 348 7.12 12.98 1.50
N VAL A 349 7.93 12.88 2.55
CA VAL A 349 7.48 12.26 3.79
C VAL A 349 6.28 13.01 4.34
N GLU A 350 6.40 14.33 4.48
CA GLU A 350 5.31 15.11 5.03
C GLU A 350 4.05 14.95 4.17
N ALA A 351 4.22 15.02 2.85
CA ALA A 351 3.09 14.92 1.93
C ALA A 351 2.41 13.56 2.03
N GLU A 352 3.20 12.47 2.03
CA GLU A 352 2.62 11.15 2.07
C GLU A 352 1.96 10.84 3.40
N LEU A 353 2.52 11.34 4.52
CA LEU A 353 1.84 11.13 5.79
C LEU A 353 0.52 11.89 5.82
N ARG A 354 0.48 13.10 5.24
CA ARG A 354 -0.77 13.82 5.13
CA ARG A 354 -0.77 13.83 5.11
C ARG A 354 -1.77 13.05 4.26
N LEU A 355 -1.28 12.42 3.20
CA LEU A 355 -2.15 11.68 2.29
C LEU A 355 -2.76 10.46 2.98
N MET A 356 -1.97 9.83 3.86
CA MET A 356 -2.44 8.70 4.66
C MET A 356 -3.57 9.14 5.59
N LYS A 357 -3.34 10.20 6.35
CA LYS A 357 -4.40 10.75 7.19
C LYS A 357 -5.61 11.12 6.36
N GLN A 358 -5.39 11.63 5.16
CA GLN A 358 -6.50 12.01 4.30
C GLN A 358 -7.29 10.80 3.82
N HIS A 359 -6.75 9.59 3.97
CA HIS A 359 -7.45 8.37 3.61
C HIS A 359 -7.74 7.51 4.83
N ASN A 360 -7.85 8.15 6.00
CA ASN A 360 -8.35 7.57 7.25
C ASN A 360 -7.40 6.55 7.87
N ILE A 361 -6.15 6.52 7.44
CA ILE A 361 -5.14 5.65 8.02
C ILE A 361 -4.72 6.22 9.38
N ASN A 362 -4.58 5.36 10.38
CA ASN A 362 -4.17 5.79 11.73
C ASN A 362 -2.97 5.01 12.25
N ALA A 363 -2.33 4.19 11.41
CA ALA A 363 -1.30 3.31 11.93
C ALA A 363 -0.30 2.99 10.84
N ILE A 364 0.97 2.86 11.24
CA ILE A 364 2.06 2.57 10.30
C ILE A 364 3.00 1.53 10.88
N ARG A 365 3.40 0.59 10.03
CA ARG A 365 4.44 -0.38 10.34
C ARG A 365 5.65 -0.05 9.48
N THR A 366 6.80 0.18 10.12
CA THR A 366 8.00 0.60 9.40
C THR A 366 8.63 -0.66 8.79
N SER A 367 7.94 -1.19 7.78
CA SER A 367 8.43 -2.39 7.11
C SER A 367 9.72 -2.10 6.34
N HIS A 368 10.79 -2.89 6.55
CA HIS A 368 11.01 -3.80 7.66
C HIS A 368 12.35 -3.40 8.32
N TYR A 369 12.39 -2.20 8.78
CA TYR A 369 13.61 -1.57 9.35
C TYR A 369 13.20 -0.22 9.91
N PRO A 370 14.01 0.41 10.76
CA PRO A 370 13.62 1.72 11.27
C PRO A 370 13.67 2.75 10.17
N PRO A 371 12.74 3.69 10.19
CA PRO A 371 12.74 4.75 9.17
C PRO A 371 13.83 5.79 9.36
N HIS A 372 13.91 6.76 8.46
CA HIS A 372 14.70 7.95 8.74
C HIS A 372 14.35 8.47 10.13
N PRO A 373 15.31 8.98 10.90
CA PRO A 373 15.00 9.37 12.28
C PRO A 373 13.99 10.52 12.38
N GLN A 374 13.91 11.38 11.36
CA GLN A 374 12.95 12.48 11.35
C GLN A 374 11.50 11.99 11.21
N PHE A 375 11.29 10.73 10.82
CA PHE A 375 9.91 10.26 10.66
C PHE A 375 9.17 10.28 11.98
N LEU A 376 9.89 10.05 13.09
CA LEU A 376 9.22 9.79 14.36
C LEU A 376 8.46 11.00 14.87
N ALA A 377 9.07 12.19 14.83
CA ALA A 377 8.39 13.39 15.29
C ALA A 377 7.15 13.66 14.44
N LEU A 378 7.25 13.48 13.13
CA LEU A 378 6.09 13.61 12.25
C LEU A 378 4.96 12.66 12.64
N ALA A 379 5.30 11.42 12.98
CA ALA A 379 4.25 10.49 13.38
C ALA A 379 3.61 10.92 14.70
N ASP A 380 4.44 11.44 15.64
CA ASP A 380 3.95 11.97 16.91
C ASP A 380 2.98 13.10 16.69
N GLN A 381 3.33 14.00 15.78
CA GLN A 381 2.58 15.23 15.55
C GLN A 381 1.29 14.97 14.76
N LEU A 382 1.39 14.29 13.63
CA LEU A 382 0.18 14.02 12.83
C LEU A 382 -0.72 12.97 13.47
N GLY A 383 -0.15 11.98 14.16
CA GLY A 383 -0.92 11.02 14.90
C GLY A 383 -1.08 9.70 14.17
N PHE A 384 -0.11 8.81 14.36
CA PHE A 384 -0.16 7.43 13.92
C PHE A 384 0.29 6.53 15.06
N TYR A 385 -0.40 5.41 15.21
CA TYR A 385 0.11 4.28 15.98
C TYR A 385 1.18 3.57 15.17
N VAL A 386 2.42 3.56 15.67
CA VAL A 386 3.56 3.04 14.89
C VAL A 386 4.04 1.72 15.47
N VAL A 387 4.23 0.74 14.60
CA VAL A 387 4.97 -0.50 14.89
C VAL A 387 6.37 -0.25 14.37
N LEU A 388 7.29 0.01 15.29
CA LEU A 388 8.68 0.33 14.92
C LEU A 388 9.44 -0.99 14.81
N GLU A 389 9.98 -1.27 13.65
CA GLU A 389 10.50 -2.60 13.35
C GLU A 389 11.99 -2.57 13.12
N CYS A 390 12.67 -3.55 13.71
CA CYS A 390 14.12 -3.67 13.62
C CYS A 390 14.49 -4.14 12.22
N ASP A 391 15.71 -3.79 11.82
CA ASP A 391 16.27 -4.14 10.52
C ASP A 391 16.82 -5.56 10.62
N LEU A 392 15.94 -6.54 10.37
CA LEU A 392 16.29 -7.96 10.42
C LEU A 392 15.33 -8.73 9.51
N GLU A 393 15.86 -9.47 8.55
CA GLU A 393 15.05 -10.35 7.68
C GLU A 393 15.98 -11.34 7.01
N THR A 394 15.71 -12.64 7.23
CA THR A 394 16.53 -13.72 6.72
C THR A 394 15.69 -14.62 5.79
N HIS A 395 14.71 -14.01 5.13
CA HIS A 395 13.69 -14.74 4.37
C HIS A 395 14.28 -15.80 3.44
N GLY A 396 15.34 -15.46 2.72
CA GLY A 396 16.01 -16.37 1.80
C GLY A 396 16.52 -17.68 2.38
N PHE A 397 16.56 -17.85 3.71
CA PHE A 397 16.93 -19.14 4.27
C PHE A 397 15.77 -20.13 4.33
N GLU A 398 14.53 -19.65 4.22
CA GLU A 398 13.37 -20.52 4.31
C GLU A 398 13.42 -21.66 3.31
N SER A 399 13.82 -21.38 2.06
CA SER A 399 13.76 -22.39 1.01
C SER A 399 14.72 -23.53 1.24
N ALA A 400 15.68 -23.38 2.17
CA ALA A 400 16.55 -24.48 2.56
C ALA A 400 16.13 -25.07 3.90
N GLY A 401 14.86 -24.91 4.26
CA GLY A 401 14.40 -25.42 5.53
C GLY A 401 14.97 -24.66 6.71
N TRP A 402 15.40 -23.42 6.49
CA TRP A 402 16.03 -22.54 7.48
C TRP A 402 17.39 -23.03 7.92
N ALA A 403 17.99 -23.97 7.21
CA ALA A 403 19.38 -24.32 7.47
C ALA A 403 20.25 -23.06 7.42
N GLN A 404 21.10 -22.90 8.43
CA GLN A 404 22.05 -21.81 8.51
C GLN A 404 21.39 -20.47 8.78
N ASN A 405 20.14 -20.46 9.21
CA ASN A 405 19.44 -19.22 9.52
C ASN A 405 20.20 -18.42 10.58
N PRO A 406 20.62 -17.19 10.31
CA PRO A 406 21.30 -16.40 11.35
C PRO A 406 20.51 -16.23 12.63
N SER A 407 19.18 -16.26 12.55
CA SER A 407 18.33 -16.05 13.72
C SER A 407 18.53 -17.11 14.78
N ASP A 408 19.03 -18.28 14.40
CA ASP A 408 19.28 -19.34 15.36
C ASP A 408 20.74 -19.75 15.38
N ASP A 409 21.64 -18.93 14.84
CA ASP A 409 23.05 -19.26 14.83
C ASP A 409 23.72 -18.45 15.96
N PRO A 410 24.22 -19.09 17.02
CA PRO A 410 24.85 -18.33 18.11
C PRO A 410 25.94 -17.38 17.65
N GLN A 411 26.60 -17.65 16.52
CA GLN A 411 27.64 -16.73 16.07
C GLN A 411 27.08 -15.36 15.69
N TRP A 412 25.77 -15.26 15.44
CA TRP A 412 25.13 -14.01 15.03
C TRP A 412 24.46 -13.27 16.18
N GLU A 413 24.53 -13.80 17.41
CA GLU A 413 23.76 -13.22 18.50
C GLU A 413 24.14 -11.76 18.77
N ASP A 414 25.44 -11.46 18.87
CA ASP A 414 25.82 -10.09 19.19
C ASP A 414 25.40 -9.14 18.09
N ALA A 415 25.50 -9.56 16.83
CA ALA A 415 25.05 -8.73 15.71
C ALA A 415 23.55 -8.45 15.78
N LEU A 416 22.75 -9.47 16.12
CA LEU A 416 21.31 -9.27 16.12
C LEU A 416 20.83 -8.50 17.34
N VAL A 417 21.42 -8.77 18.51
CA VAL A 417 21.09 -7.93 19.66
C VAL A 417 21.49 -6.47 19.38
N ASP A 418 22.62 -6.24 18.72
CA ASP A 418 23.02 -4.87 18.42
C ASP A 418 21.99 -4.19 17.55
N ARG A 419 21.48 -4.89 16.54
CA ARG A 419 20.46 -4.28 15.72
C ARG A 419 19.28 -3.86 16.56
N MET A 420 18.81 -4.72 17.45
CA MET A 420 17.64 -4.38 18.25
C MET A 420 17.94 -3.24 19.21
N ARG A 421 19.10 -3.31 19.87
CA ARG A 421 19.50 -2.22 20.75
C ARG A 421 19.48 -0.90 20.00
N ARG A 422 20.12 -0.87 18.84
CA ARG A 422 20.19 0.41 18.15
C ARG A 422 18.80 0.85 17.72
N THR A 423 17.92 -0.11 17.36
CA THR A 423 16.56 0.25 16.97
C THR A 423 15.83 0.89 18.15
N VAL A 424 15.91 0.25 19.31
CA VAL A 424 15.14 0.70 20.46
C VAL A 424 15.70 2.02 20.98
N GLU A 425 17.02 2.12 21.10
CA GLU A 425 17.59 3.33 21.69
C GLU A 425 17.24 4.56 20.86
N ARG A 426 17.21 4.45 19.53
CA ARG A 426 17.06 5.67 18.74
C ARG A 426 15.69 6.30 18.93
N ASP A 427 14.63 5.48 19.05
CA ASP A 427 13.26 5.95 18.90
C ASP A 427 12.44 5.81 20.18
N LYS A 428 13.04 5.36 21.27
CA LYS A 428 12.32 5.08 22.51
C LYS A 428 11.55 6.26 23.11
N ASN A 429 11.79 7.50 22.69
CA ASN A 429 11.11 8.63 23.35
C ASN A 429 9.80 9.03 22.72
N HIS A 430 9.34 8.34 21.68
CA HIS A 430 8.26 8.83 20.84
C HIS A 430 6.95 8.13 21.18
N ALA A 431 5.94 8.93 21.54
CA ALA A 431 4.64 8.41 21.92
C ALA A 431 3.99 7.63 20.77
N SER A 432 4.33 7.94 19.52
CA SER A 432 3.71 7.22 18.41
C SER A 432 4.14 5.77 18.34
N VAL A 433 5.30 5.41 18.87
CA VAL A 433 5.74 4.02 18.84
C VAL A 433 4.96 3.27 19.91
N VAL A 434 4.04 2.39 19.48
CA VAL A 434 3.26 1.61 20.44
C VAL A 434 3.65 0.15 20.47
N MET A 435 4.54 -0.29 19.58
CA MET A 435 5.03 -1.65 19.58
C MET A 435 6.43 -1.65 19.02
N TRP A 436 7.27 -2.52 19.55
CA TRP A 436 8.55 -2.83 18.95
C TRP A 436 8.44 -4.14 18.20
N SER A 437 8.97 -4.17 16.99
CA SER A 437 9.01 -5.41 16.23
C SER A 437 10.44 -5.89 16.05
N LEU A 438 10.65 -7.20 16.32
CA LEU A 438 11.96 -7.82 16.21
C LEU A 438 12.50 -7.87 14.79
N GLY A 439 11.62 -7.87 13.79
CA GLY A 439 12.05 -8.03 12.43
C GLY A 439 10.92 -8.64 11.61
N ASN A 440 11.29 -9.27 10.52
CA ASN A 440 10.31 -9.78 9.57
C ASN A 440 10.90 -10.98 8.86
N GLN A 441 10.11 -12.06 8.76
CA GLN A 441 10.47 -13.21 7.94
C GLN A 441 11.90 -13.69 8.25
N ALA A 442 12.15 -13.90 9.53
CA ALA A 442 13.47 -14.26 10.00
C ALA A 442 13.48 -15.64 10.64
N GLY A 443 12.41 -16.41 10.47
CA GLY A 443 12.32 -17.71 11.08
C GLY A 443 12.11 -17.64 12.59
N THR A 444 12.48 -18.71 13.26
CA THR A 444 12.47 -18.77 14.72
C THR A 444 13.87 -19.04 15.20
N GLY A 445 14.22 -18.57 16.40
CA GLY A 445 15.55 -18.94 16.82
C GLY A 445 15.99 -18.21 18.07
N ARG A 446 17.10 -18.70 18.60
CA ARG A 446 17.67 -18.22 19.87
C ARG A 446 17.96 -16.72 19.85
N ASN A 447 18.41 -16.18 18.72
CA ASN A 447 18.81 -14.78 18.71
C ASN A 447 17.63 -13.85 18.68
N LEU A 448 16.48 -14.27 18.11
CA LEU A 448 15.24 -13.51 18.23
C LEU A 448 14.78 -13.47 19.69
N ALA A 449 14.89 -14.59 20.39
CA ALA A 449 14.54 -14.62 21.80
C ALA A 449 15.43 -13.68 22.60
N ALA A 450 16.71 -13.64 22.26
CA ALA A 450 17.65 -12.74 22.94
C ALA A 450 17.30 -11.29 22.64
N MET A 451 16.85 -11.01 21.42
CA MET A 451 16.46 -9.64 21.07
C MET A 451 15.22 -9.24 21.83
N SER A 452 14.27 -10.17 21.97
CA SER A 452 13.05 -9.88 22.72
C SER A 452 13.39 -9.68 24.21
N ARG A 453 14.18 -10.56 24.79
CA ARG A 453 14.52 -10.42 26.20
C ARG A 453 15.19 -9.08 26.47
N TRP A 454 16.11 -8.68 25.61
CA TRP A 454 16.82 -7.42 25.79
C TRP A 454 15.82 -6.25 25.77
N THR A 455 14.89 -6.28 24.83
CA THR A 455 13.91 -5.21 24.63
C THR A 455 12.95 -5.11 25.80
N LYS A 456 12.48 -6.26 26.27
CA LYS A 456 11.55 -6.29 27.38
C LYS A 456 12.22 -5.71 28.64
N ASP A 457 13.49 -6.01 28.80
CA ASP A 457 14.22 -5.49 29.96
C ASP A 457 14.47 -3.99 29.83
N ARG A 458 14.79 -3.54 28.61
CA ARG A 458 15.14 -2.15 28.41
C ARG A 458 13.91 -1.26 28.47
N ASP A 459 12.82 -1.66 27.81
CA ASP A 459 11.62 -0.85 27.67
C ASP A 459 10.38 -1.72 27.82
N PRO A 460 9.96 -1.96 29.06
CA PRO A 460 8.71 -2.71 29.28
C PRO A 460 7.45 -1.94 28.93
N SER A 461 7.56 -0.68 28.48
CA SER A 461 6.35 0.11 28.26
C SER A 461 5.67 -0.17 26.92
N ARG A 462 6.30 -0.95 26.03
CA ARG A 462 5.74 -1.20 24.71
C ARG A 462 5.70 -2.70 24.42
N PRO A 463 4.58 -3.24 23.96
CA PRO A 463 4.56 -4.66 23.62
C PRO A 463 5.50 -4.99 22.47
N ILE A 464 5.97 -6.22 22.46
CA ILE A 464 6.83 -6.75 21.42
C ILE A 464 5.99 -7.52 20.39
N HIS A 465 6.31 -7.29 19.13
CA HIS A 465 5.67 -7.88 17.96
C HIS A 465 6.70 -8.69 17.18
N TYR A 466 6.33 -9.89 16.72
CA TYR A 466 7.15 -10.62 15.74
C TYR A 466 6.28 -11.71 15.13
N GLU A 467 6.05 -11.64 13.83
CA GLU A 467 5.13 -12.62 13.21
C GLU A 467 5.78 -13.99 12.97
N GLY A 468 7.10 -14.04 12.74
CA GLY A 468 7.77 -15.27 12.28
C GLY A 468 7.58 -16.51 13.14
N ASP A 469 7.35 -16.34 14.46
CA ASP A 469 7.20 -17.50 15.36
C ASP A 469 5.75 -17.58 15.79
N TRP A 470 4.96 -18.44 15.14
CA TRP A 470 3.53 -18.39 15.41
C TRP A 470 3.20 -18.81 16.84
N SER A 471 4.02 -19.65 17.46
CA SER A 471 3.81 -19.99 18.86
C SER A 471 3.84 -18.77 19.77
N SER A 472 4.38 -17.66 19.29
CA SER A 472 4.31 -16.38 19.98
C SER A 472 5.07 -16.40 21.31
N GLU A 473 6.08 -17.25 21.42
CA GLU A 473 6.72 -17.52 22.71
C GLU A 473 7.37 -16.27 23.31
N HIS A 474 7.91 -15.39 22.47
CA HIS A 474 8.72 -14.27 22.95
C HIS A 474 8.12 -12.93 22.59
N VAL A 475 6.80 -12.85 22.39
CA VAL A 475 6.12 -11.65 21.94
C VAL A 475 4.93 -11.43 22.85
N ASP A 476 4.33 -10.27 22.73
CA ASP A 476 3.16 -9.96 23.54
C ASP A 476 1.86 -9.88 22.76
N VAL A 477 1.92 -9.91 21.43
CA VAL A 477 0.72 -9.97 20.61
C VAL A 477 0.87 -11.13 19.64
N TYR A 478 -0.27 -11.69 19.24
CA TYR A 478 -0.27 -12.72 18.22
C TYR A 478 -0.40 -12.02 16.87
N SER A 479 0.63 -12.15 16.04
CA SER A 479 0.67 -11.49 14.74
C SER A 479 0.68 -12.53 13.63
N ARG A 480 -0.16 -12.31 12.61
CA ARG A 480 -0.12 -13.09 11.39
C ARG A 480 -0.14 -12.19 10.16
N MET A 481 0.24 -12.76 9.02
CA MET A 481 0.15 -12.04 7.76
C MET A 481 -0.70 -12.88 6.79
N TYR A 482 -1.66 -12.22 6.17
CA TYR A 482 -2.55 -12.77 5.13
C TYR A 482 -3.38 -13.94 5.62
N ALA A 483 -3.61 -14.09 6.92
CA ALA A 483 -4.57 -15.07 7.37
C ALA A 483 -5.90 -14.82 6.67
N SER A 484 -6.60 -15.88 6.34
CA SER A 484 -7.81 -15.68 5.57
C SER A 484 -8.88 -15.02 6.43
N GLN A 485 -9.90 -14.46 5.78
CA GLN A 485 -11.03 -13.91 6.50
C GLN A 485 -11.65 -14.97 7.42
N ALA A 486 -11.70 -16.21 6.95
CA ALA A 486 -12.24 -17.28 7.78
C ALA A 486 -11.40 -17.49 9.02
N GLU A 487 -10.09 -17.69 8.84
CA GLU A 487 -9.25 -17.98 10.00
C GLU A 487 -9.24 -16.79 10.96
N THR A 488 -9.28 -15.56 10.43
CA THR A 488 -9.41 -14.38 11.28
C THR A 488 -10.67 -14.41 12.14
N ALA A 489 -11.78 -14.87 11.59
CA ALA A 489 -13.01 -14.93 12.38
C ALA A 489 -12.91 -15.96 13.50
N LEU A 490 -12.22 -17.06 13.26
CA LEU A 490 -12.03 -18.03 14.32
C LEU A 490 -11.12 -17.46 15.40
N ILE A 491 -10.07 -16.77 14.97
CA ILE A 491 -9.17 -16.15 15.96
C ILE A 491 -9.90 -15.04 16.71
N GLY A 492 -10.71 -14.27 16.02
CA GLY A 492 -11.49 -13.25 16.71
C GLY A 492 -12.37 -13.82 17.80
N GLN A 493 -12.88 -15.04 17.60
CA GLN A 493 -13.72 -15.69 18.61
C GLN A 493 -12.91 -16.49 19.62
N GLY A 494 -11.59 -16.52 19.46
CA GLY A 494 -10.77 -17.28 20.39
C GLY A 494 -10.91 -18.77 20.27
N ILE A 495 -11.30 -19.27 19.10
CA ILE A 495 -11.49 -20.70 18.94
C ILE A 495 -10.53 -21.29 17.91
N GLU A 496 -9.42 -20.64 17.63
CA GLU A 496 -8.47 -21.24 16.72
C GLU A 496 -7.91 -22.49 17.38
N PRO A 497 -7.21 -23.33 16.61
CA PRO A 497 -6.73 -24.59 17.19
C PRO A 497 -5.58 -24.35 18.15
N ALA A 498 -5.48 -25.24 19.12
CA ALA A 498 -4.50 -25.08 20.19
C ALA A 498 -3.09 -25.35 19.68
N LEU A 499 -2.13 -24.64 20.27
CA LEU A 499 -0.74 -25.05 20.23
C LEU A 499 -0.56 -26.36 20.99
N ASN A 500 0.40 -27.16 20.54
CA ASN A 500 0.70 -28.42 21.23
C ASN A 500 1.16 -28.20 22.66
N ASP A 501 1.88 -27.11 22.91
CA ASP A 501 2.34 -26.78 24.24
C ASP A 501 1.24 -26.03 24.97
N ALA A 502 0.73 -26.62 26.04
CA ALA A 502 -0.41 -26.03 26.74
C ALA A 502 -0.08 -24.67 27.32
N ALA A 503 1.13 -24.51 27.89
CA ALA A 503 1.51 -23.23 28.46
C ALA A 503 1.58 -22.15 27.39
N LEU A 504 2.19 -22.46 26.25
CA LEU A 504 2.26 -21.47 25.20
C LEU A 504 0.88 -21.16 24.62
N ASP A 505 0.00 -22.17 24.56
CA ASP A 505 -1.35 -21.94 24.05
C ASP A 505 -2.13 -20.99 24.95
N ALA A 506 -2.10 -21.24 26.26
CA ALA A 506 -2.70 -20.31 27.21
C ALA A 506 -2.17 -18.88 27.04
N ARG A 507 -0.84 -18.73 26.91
CA ARG A 507 -0.29 -17.40 26.65
C ARG A 507 -0.86 -16.81 25.37
N ARG A 508 -0.84 -17.56 24.28
CA ARG A 508 -1.24 -16.96 23.01
C ARG A 508 -2.72 -16.64 22.99
N ARG A 509 -3.57 -17.45 23.63
CA ARG A 509 -5.00 -17.15 23.64
C ARG A 509 -5.33 -15.93 24.49
N ALA A 510 -4.46 -15.55 25.43
CA ALA A 510 -4.64 -14.32 26.16
C ALA A 510 -4.13 -13.12 25.40
N MET A 511 -3.61 -13.31 24.20
CA MET A 511 -3.09 -12.20 23.44
C MET A 511 -4.11 -11.65 22.46
N PRO A 512 -4.06 -10.34 22.23
CA PRO A 512 -4.76 -9.77 21.08
C PRO A 512 -4.06 -10.12 19.78
N PHE A 513 -4.81 -9.97 18.69
CA PHE A 513 -4.40 -10.45 17.38
C PHE A 513 -4.33 -9.32 16.35
N VAL A 514 -3.22 -9.26 15.62
CA VAL A 514 -3.02 -8.24 14.60
C VAL A 514 -2.58 -8.90 13.32
N LEU A 515 -3.08 -8.38 12.20
CA LEU A 515 -2.59 -8.75 10.87
C LEU A 515 -1.52 -7.72 10.50
N CYS A 516 -0.25 -8.10 10.65
CA CYS A 516 0.80 -7.13 10.33
C CYS A 516 0.88 -6.84 8.84
N GLU A 517 0.32 -7.73 8.01
CA GLU A 517 0.17 -7.54 6.57
C GLU A 517 -1.11 -8.27 6.13
N TYR A 518 -1.95 -7.59 5.36
CA TYR A 518 -3.16 -8.22 4.82
C TYR A 518 -3.60 -7.43 3.60
N VAL A 519 -4.61 -7.98 2.89
CA VAL A 519 -5.15 -7.47 1.64
C VAL A 519 -4.06 -6.91 0.73
N HIS A 520 -3.17 -7.78 0.31
CA HIS A 520 -2.08 -7.42 -0.60
C HIS A 520 -2.59 -6.60 -1.76
N ALA A 521 -2.02 -5.41 -1.90
CA ALA A 521 -2.59 -4.37 -2.76
C ALA A 521 -1.94 -4.28 -4.13
N MET A 522 -1.55 -5.41 -4.72
CA MET A 522 -0.84 -5.42 -5.98
C MET A 522 -1.81 -5.39 -7.16
N GLY A 523 -1.63 -4.41 -8.06
CA GLY A 523 -2.43 -4.31 -9.26
C GLY A 523 -3.89 -4.07 -8.97
N ASN A 524 -4.75 -4.62 -9.84
CA ASN A 524 -6.18 -4.46 -9.65
C ASN A 524 -6.62 -5.16 -8.38
N GLY A 525 -7.21 -4.39 -7.45
CA GLY A 525 -7.49 -4.86 -6.11
C GLY A 525 -7.06 -3.81 -5.08
N PRO A 526 -7.02 -4.20 -3.79
CA PRO A 526 -7.34 -5.52 -3.23
C PRO A 526 -8.83 -5.79 -3.01
N GLY A 527 -9.27 -7.03 -3.31
CA GLY A 527 -10.61 -7.49 -2.99
C GLY A 527 -10.70 -8.06 -1.58
N GLY A 528 -11.91 -8.09 -1.03
CA GLY A 528 -12.17 -8.72 0.24
C GLY A 528 -11.81 -7.90 1.47
N MET A 529 -11.61 -6.58 1.31
CA MET A 529 -11.30 -5.72 2.44
C MET A 529 -12.49 -5.56 3.37
N SER A 530 -13.69 -5.52 2.80
CA SER A 530 -14.88 -5.32 3.63
C SER A 530 -15.05 -6.46 4.61
N GLU A 531 -14.72 -7.69 4.19
CA GLU A 531 -14.96 -8.85 5.04
C GLU A 531 -14.05 -8.83 6.25
N TYR A 532 -12.80 -8.45 6.05
CA TYR A 532 -11.89 -8.23 7.19
C TYR A 532 -12.43 -7.16 8.13
N GLN A 533 -12.81 -6.00 7.59
CA GLN A 533 -13.23 -4.89 8.43
C GLN A 533 -14.42 -5.25 9.32
N ALA A 534 -15.41 -5.95 8.77
CA ALA A 534 -16.54 -6.36 9.58
C ALA A 534 -16.11 -7.20 10.77
N LEU A 535 -15.10 -8.04 10.57
CA LEU A 535 -14.60 -8.84 11.67
C LEU A 535 -13.88 -7.94 12.68
N PHE A 536 -13.06 -7.01 12.20
CA PHE A 536 -12.37 -6.06 13.08
C PHE A 536 -13.36 -5.34 13.99
N GLU A 537 -14.49 -4.93 13.43
CA GLU A 537 -15.50 -4.22 14.21
C GLU A 537 -16.21 -5.16 15.17
N LYS A 538 -16.31 -6.43 14.83
CA LYS A 538 -17.15 -7.34 15.61
C LYS A 538 -16.43 -7.89 16.83
N TYR A 539 -15.14 -8.17 16.71
CA TYR A 539 -14.45 -8.96 17.70
C TYR A 539 -13.37 -8.11 18.38
N PRO A 540 -13.47 -7.85 19.68
CA PRO A 540 -12.44 -7.00 20.35
C PRO A 540 -11.02 -7.53 20.26
N ARG A 541 -10.83 -8.84 20.29
CA ARG A 541 -9.50 -9.40 20.24
C ARG A 541 -8.75 -8.99 18.99
N LEU A 542 -9.47 -8.71 17.89
CA LEU A 542 -8.84 -8.32 16.64
C LEU A 542 -8.43 -6.87 16.72
N MET A 543 -7.13 -6.62 16.55
CA MET A 543 -6.55 -5.29 16.67
C MET A 543 -6.66 -4.48 15.39
N GLY A 544 -7.05 -5.11 14.27
CA GLY A 544 -6.99 -4.47 12.97
C GLY A 544 -5.88 -5.05 12.11
N GLY A 545 -5.47 -4.24 11.12
CA GLY A 545 -4.50 -4.77 10.18
C GLY A 545 -3.79 -3.66 9.43
N PHE A 546 -2.64 -4.01 8.89
CA PHE A 546 -1.86 -3.11 8.06
C PHE A 546 -1.79 -3.66 6.65
N VAL A 547 -2.19 -2.83 5.68
CA VAL A 547 -2.20 -3.25 4.29
C VAL A 547 -0.76 -3.42 3.81
N TRP A 548 -0.51 -4.50 3.06
CA TRP A 548 0.71 -4.61 2.29
C TRP A 548 0.41 -4.15 0.86
N GLU A 549 1.02 -3.05 0.42
CA GLU A 549 1.82 -2.07 1.20
C GLU A 549 1.44 -0.65 0.78
N TRP A 550 2.03 0.36 1.44
CA TRP A 550 1.67 1.74 1.15
C TRP A 550 2.04 2.12 -0.27
N LEU A 551 3.28 1.86 -0.68
CA LEU A 551 3.71 2.34 -1.98
C LEU A 551 4.25 1.25 -2.88
N GLU A 552 4.10 1.51 -4.19
CA GLU A 552 4.83 0.80 -5.20
C GLU A 552 6.26 1.31 -5.28
N HIS A 553 7.20 0.39 -5.36
CA HIS A 553 8.60 0.76 -5.55
C HIS A 553 8.97 0.93 -7.00
N GLY A 554 8.14 1.58 -7.82
CA GLY A 554 8.55 1.83 -9.19
C GLY A 554 9.75 2.76 -9.23
N ILE A 555 10.64 2.50 -10.19
CA ILE A 555 11.81 3.35 -10.44
C ILE A 555 11.61 4.00 -11.80
N THR A 556 11.66 5.33 -11.84
CA THR A 556 11.39 6.03 -13.09
C THR A 556 12.43 5.70 -14.15
N VAL A 557 11.93 5.50 -15.37
CA VAL A 557 12.73 5.21 -16.56
C VAL A 557 12.28 6.14 -17.69
N SER A 558 13.24 6.64 -18.46
CA SER A 558 12.96 7.56 -19.55
C SER A 558 13.39 6.96 -20.89
N THR A 559 12.67 7.33 -21.94
CA THR A 559 13.01 6.97 -23.31
C THR A 559 13.25 8.24 -24.13
N ALA A 560 13.86 8.04 -25.30
CA ALA A 560 14.11 9.17 -26.20
C ALA A 560 12.82 9.92 -26.50
N ASP A 561 11.72 9.19 -26.71
CA ASP A 561 10.41 9.83 -26.85
C ASP A 561 10.20 10.86 -25.75
N GLY A 562 10.69 10.54 -24.55
CA GLY A 562 10.57 11.42 -23.41
C GLY A 562 9.50 11.02 -22.44
N VAL A 563 8.66 10.04 -22.79
CA VAL A 563 7.68 9.57 -21.81
C VAL A 563 8.41 8.89 -20.67
N ASP A 564 7.86 9.04 -19.48
CA ASP A 564 8.33 8.33 -18.31
C ASP A 564 7.40 7.15 -18.06
N HIS A 565 8.00 6.04 -17.62
CA HIS A 565 7.24 4.93 -17.06
C HIS A 565 8.06 4.34 -15.92
N TYR A 566 7.40 3.58 -15.04
CA TYR A 566 8.09 2.95 -13.94
C TYR A 566 8.68 1.61 -14.36
N GLY A 567 9.92 1.36 -13.93
CA GLY A 567 10.56 0.09 -14.09
C GLY A 567 10.39 -0.77 -12.85
N TYR A 568 10.55 -2.08 -13.02
CA TYR A 568 10.49 -3.00 -11.91
C TYR A 568 11.52 -4.10 -12.15
N GLY A 569 11.42 -5.19 -11.40
CA GLY A 569 12.46 -6.19 -11.44
C GLY A 569 12.64 -6.71 -12.86
N GLY A 570 13.90 -6.90 -13.25
CA GLY A 570 14.25 -7.32 -14.59
C GLY A 570 14.47 -6.19 -15.57
N ASP A 571 13.97 -5.00 -15.26
CA ASP A 571 14.15 -3.86 -16.15
C ASP A 571 15.53 -3.23 -16.03
N PHE A 572 16.41 -3.80 -15.20
CA PHE A 572 17.70 -3.21 -14.91
C PHE A 572 18.80 -4.26 -14.97
N GLY A 573 18.61 -5.27 -15.82
CA GLY A 573 19.66 -6.23 -16.12
C GLY A 573 19.82 -7.36 -15.14
N GLU A 574 18.99 -7.45 -14.12
CA GLU A 574 19.22 -8.43 -13.07
C GLU A 574 19.30 -9.84 -13.64
N GLU A 575 20.25 -10.61 -13.14
CA GLU A 575 20.33 -12.03 -13.45
C GLU A 575 19.16 -12.79 -12.82
N VAL A 576 18.90 -12.57 -11.54
CA VAL A 576 17.70 -13.10 -10.89
C VAL A 576 16.93 -11.92 -10.32
N HIS A 577 15.60 -11.98 -10.42
CA HIS A 577 14.74 -10.91 -9.96
C HIS A 577 13.33 -11.47 -9.77
N ASP A 578 12.42 -10.61 -9.33
CA ASP A 578 11.05 -11.03 -9.07
C ASP A 578 10.02 -10.09 -9.72
N GLY A 579 10.44 -9.42 -10.78
CA GLY A 579 9.50 -8.76 -11.67
C GLY A 579 8.76 -7.62 -10.99
N ASN A 580 7.47 -7.53 -11.25
CA ASN A 580 6.68 -6.42 -10.73
C ASN A 580 6.19 -6.67 -9.31
N PHE A 581 6.76 -7.63 -8.60
CA PHE A 581 6.27 -7.87 -7.25
C PHE A 581 6.67 -6.76 -6.30
N VAL A 582 7.49 -5.81 -6.75
CA VAL A 582 7.82 -4.68 -5.91
C VAL A 582 6.88 -3.52 -6.17
N THR A 583 6.04 -3.62 -7.21
CA THR A 583 4.98 -2.64 -7.46
C THR A 583 3.67 -3.27 -6.99
N ASP A 584 3.41 -3.10 -5.69
CA ASP A 584 2.37 -3.85 -4.98
C ASP A 584 1.69 -2.96 -3.95
N GLY A 585 1.52 -1.68 -4.28
CA GLY A 585 1.09 -0.69 -3.32
C GLY A 585 -0.23 0.02 -3.60
N LEU A 586 -0.65 0.78 -2.58
CA LEU A 586 -1.86 1.58 -2.61
C LEU A 586 -1.65 2.88 -3.35
N VAL A 587 -0.39 3.33 -3.48
CA VAL A 587 -0.04 4.51 -4.26
C VAL A 587 1.16 4.14 -5.10
N ASP A 588 1.36 4.88 -6.18
CA ASP A 588 2.54 4.63 -6.99
C ASP A 588 3.72 5.34 -6.35
N ALA A 589 4.90 5.12 -6.94
CA ALA A 589 6.12 5.64 -6.33
C ALA A 589 6.06 7.15 -6.15
N ASP A 590 5.24 7.82 -6.94
CA ASP A 590 5.09 9.26 -6.84
C ASP A 590 3.89 9.63 -5.98
N ARG A 591 3.39 8.67 -5.20
CA ARG A 591 2.32 8.89 -4.24
C ARG A 591 0.99 9.22 -4.91
N ARG A 592 0.82 8.91 -6.21
CA ARG A 592 -0.48 9.02 -6.84
C ARG A 592 -1.36 7.84 -6.41
N PRO A 593 -2.55 8.07 -5.87
CA PRO A 593 -3.35 6.95 -5.36
C PRO A 593 -3.67 5.94 -6.45
N ARG A 594 -3.64 4.68 -6.07
CA ARG A 594 -4.33 3.65 -6.81
C ARG A 594 -5.77 3.57 -6.33
N PRO A 595 -6.67 3.01 -7.15
CA PRO A 595 -8.06 2.85 -6.71
C PRO A 595 -8.20 2.12 -5.38
N GLY A 596 -7.35 1.12 -5.13
CA GLY A 596 -7.42 0.41 -3.87
C GLY A 596 -7.31 1.33 -2.66
N LEU A 597 -6.53 2.41 -2.78
CA LEU A 597 -6.46 3.37 -1.67
C LEU A 597 -7.79 4.08 -1.47
N LEU A 598 -8.44 4.48 -2.57
CA LEU A 598 -9.74 5.14 -2.49
C LEU A 598 -10.78 4.21 -1.86
N ASP A 599 -10.75 2.93 -2.24
CA ASP A 599 -11.58 1.93 -1.57
C ASP A 599 -11.17 1.72 -0.11
N PHE A 600 -9.88 1.55 0.16
CA PHE A 600 -9.43 1.38 1.55
C PHE A 600 -9.98 2.50 2.45
N LYS A 601 -9.85 3.75 2.00
CA LYS A 601 -10.29 4.88 2.80
C LYS A 601 -11.73 4.72 3.27
N LYS A 602 -12.60 4.31 2.35
CA LYS A 602 -13.99 4.07 2.67
C LYS A 602 -14.15 2.88 3.60
N VAL A 603 -13.46 1.79 3.32
CA VAL A 603 -13.61 0.58 4.14
C VAL A 603 -13.33 0.90 5.61
N ILE A 604 -12.31 1.71 5.87
CA ILE A 604 -11.87 1.96 7.25
C ILE A 604 -12.49 3.23 7.82
N GLU A 605 -13.45 3.84 7.14
CA GLU A 605 -13.92 5.15 7.56
C GLU A 605 -14.36 5.09 9.03
N PRO A 606 -13.95 6.05 9.87
CA PRO A 606 -14.16 5.92 11.32
C PRO A 606 -15.55 6.36 11.79
N LEU A 607 -16.40 6.86 10.91
CA LEU A 607 -17.80 7.08 11.18
C LEU A 607 -18.61 6.29 10.16
N ARG A 608 -19.75 5.75 10.58
CA ARG A 608 -20.66 5.08 9.65
C ARG A 608 -21.97 5.86 9.57
N ILE A 609 -22.35 6.20 8.34
CA ILE A 609 -23.53 7.00 8.04
C ILE A 609 -24.43 6.12 7.19
N ASP A 610 -25.61 5.78 7.72
CA ASP A 610 -26.58 4.91 7.05
C ASP A 610 -27.81 5.76 6.75
N VAL A 611 -27.96 6.17 5.50
CA VAL A 611 -29.03 7.09 5.12
C VAL A 611 -30.33 6.31 4.99
N ALA A 612 -31.39 6.89 5.55
CA ALA A 612 -32.68 6.23 5.60
C ALA A 612 -33.30 6.18 4.20
N ARG A 613 -33.98 5.08 3.90
CA ARG A 613 -34.64 4.94 2.60
C ARG A 613 -35.57 6.10 2.29
N ASP A 614 -36.40 6.47 3.26
CA ASP A 614 -37.39 7.54 3.07
C ASP A 614 -36.76 8.93 3.16
N TRP A 615 -35.45 9.02 3.34
CA TRP A 615 -34.72 10.30 3.31
C TRP A 615 -35.11 11.21 4.47
N THR A 616 -35.65 10.64 5.55
CA THR A 616 -35.98 11.45 6.71
C THR A 616 -34.77 11.72 7.60
N GLY A 617 -33.74 10.89 7.53
CA GLY A 617 -32.58 11.10 8.39
C GLY A 617 -31.57 10.02 8.14
N PHE A 618 -30.53 9.98 8.99
CA PHE A 618 -29.51 8.95 8.85
C PHE A 618 -29.07 8.47 10.23
N THR A 619 -28.60 7.25 10.27
CA THR A 619 -27.97 6.71 11.47
C THR A 619 -26.48 7.02 11.44
N LEU A 620 -25.98 7.50 12.55
CA LEU A 620 -24.59 7.91 12.68
C LEU A 620 -23.98 7.13 13.84
N ARG A 621 -22.96 6.33 13.55
CA ARG A 621 -22.19 5.61 14.55
C ARG A 621 -20.80 6.21 14.58
N ASN A 622 -20.36 6.61 15.76
CA ASN A 622 -18.99 7.08 15.91
C ASN A 622 -18.10 5.87 16.14
N GLY A 623 -17.26 5.54 15.17
CA GLY A 623 -16.38 4.38 15.27
C GLY A 623 -15.02 4.66 15.92
N GLN A 624 -14.75 5.92 16.21
CA GLN A 624 -13.49 6.32 16.84
C GLN A 624 -13.40 5.74 18.25
N ASP A 625 -12.18 5.73 18.77
CA ASP A 625 -11.91 5.16 20.09
C ASP A 625 -11.86 6.20 21.19
N PHE A 626 -11.51 7.44 20.87
CA PHE A 626 -11.39 8.47 21.90
C PHE A 626 -12.22 9.71 21.56
N ALA A 627 -12.14 10.19 20.33
CA ALA A 627 -12.78 11.47 20.01
C ALA A 627 -14.28 11.33 19.81
N ASP A 628 -15.02 12.41 20.12
CA ASP A 628 -16.43 12.49 19.77
C ASP A 628 -16.54 13.01 18.33
N THR A 629 -17.74 13.43 17.91
CA THR A 629 -17.95 13.87 16.53
C THR A 629 -17.86 15.37 16.36
N SER A 630 -17.35 16.12 17.37
CA SER A 630 -17.35 17.57 17.29
C SER A 630 -16.46 18.12 16.17
N ALA A 631 -15.48 17.37 15.70
CA ALA A 631 -14.59 17.86 14.65
C ALA A 631 -15.22 17.88 13.27
N PHE A 632 -16.41 17.30 13.12
CA PHE A 632 -17.00 17.09 11.80
C PHE A 632 -18.17 18.03 11.58
N SER A 633 -18.33 18.44 10.33
CA SER A 633 -19.54 19.09 9.88
C SER A 633 -20.29 18.08 9.03
N PHE A 634 -21.58 17.93 9.29
CA PHE A 634 -22.40 16.92 8.62
C PHE A 634 -23.24 17.60 7.53
N ARG A 635 -23.03 17.19 6.28
CA ARG A 635 -23.60 17.87 5.14
C ARG A 635 -24.38 16.88 4.30
N TYR A 636 -25.49 17.34 3.74
CA TYR A 636 -26.35 16.56 2.85
C TYR A 636 -26.43 17.26 1.51
N GLU A 637 -26.55 16.46 0.44
CA GLU A 637 -26.89 17.02 -0.84
C GLU A 637 -27.75 16.02 -1.59
N VAL A 638 -28.77 16.52 -2.26
CA VAL A 638 -29.55 15.72 -3.21
C VAL A 638 -29.12 16.13 -4.61
N GLU A 639 -28.68 15.15 -5.40
CA GLU A 639 -28.35 15.36 -6.79
C GLU A 639 -29.29 14.56 -7.68
N ALA A 640 -29.69 15.15 -8.79
CA ALA A 640 -30.54 14.50 -9.78
C ALA A 640 -29.88 14.67 -11.15
N ASP A 641 -30.57 14.15 -12.16
CA ASP A 641 -30.06 14.22 -13.53
C ASP A 641 -29.52 15.62 -13.84
N GLY A 642 -30.30 16.65 -13.50
CA GLY A 642 -29.89 18.02 -13.72
C GLY A 642 -29.22 18.67 -12.51
N GLY A 643 -28.24 17.99 -11.93
CA GLY A 643 -27.42 18.59 -10.90
C GLY A 643 -28.08 18.67 -9.54
N ALA A 644 -27.42 19.44 -8.65
CA ALA A 644 -27.88 19.56 -7.28
C ALA A 644 -29.27 20.18 -7.22
N LEU A 645 -30.12 19.62 -6.37
CA LEU A 645 -31.46 20.14 -6.12
C LEU A 645 -31.61 20.82 -4.77
N ASP A 646 -30.97 20.27 -3.74
CA ASP A 646 -31.03 20.81 -2.40
C ASP A 646 -29.77 20.39 -1.67
N GLY A 647 -29.47 21.08 -0.57
CA GLY A 647 -28.32 20.70 0.22
C GLY A 647 -28.22 21.63 1.42
N GLY A 648 -27.33 21.27 2.33
CA GLY A 648 -27.13 22.07 3.52
C GLY A 648 -26.36 21.29 4.57
N THR A 649 -26.47 21.78 5.80
CA THR A 649 -25.72 21.28 6.95
C THR A 649 -26.68 21.02 8.09
N VAL A 650 -26.51 19.92 8.80
CA VAL A 650 -27.36 19.60 9.94
C VAL A 650 -26.52 19.58 11.21
N ASP A 651 -27.12 20.03 12.32
CA ASP A 651 -26.48 20.07 13.62
C ASP A 651 -26.63 18.73 14.33
N VAL A 652 -25.51 18.16 14.75
CA VAL A 652 -25.48 16.88 15.43
C VAL A 652 -24.85 17.11 16.80
N ALA A 653 -25.63 16.90 17.86
CA ALA A 653 -25.07 16.83 19.21
C ALA A 653 -23.88 15.85 19.22
N PRO A 654 -22.76 16.19 19.87
CA PRO A 654 -21.59 15.32 19.80
C PRO A 654 -21.90 13.91 20.26
N VAL A 655 -21.50 12.94 19.45
CA VAL A 655 -21.73 11.54 19.71
C VAL A 655 -20.44 10.97 20.26
N ALA A 656 -20.55 10.26 21.38
CA ALA A 656 -19.36 9.78 22.05
C ALA A 656 -18.75 8.60 21.28
N PRO A 657 -17.47 8.31 21.52
CA PRO A 657 -16.84 7.17 20.86
C PRO A 657 -17.60 5.88 21.11
N GLN A 658 -17.82 5.12 20.04
CA GLN A 658 -18.51 3.84 20.09
C GLN A 658 -19.97 3.99 20.47
N SER A 659 -20.56 5.16 20.24
CA SER A 659 -21.99 5.35 20.40
C SER A 659 -22.63 5.62 19.05
N GLU A 660 -23.94 5.78 19.10
CA GLU A 660 -24.82 5.76 17.94
C GLU A 660 -25.98 6.69 18.19
N THR A 661 -26.45 7.36 17.13
CA THR A 661 -27.66 8.18 17.20
C THR A 661 -28.31 8.20 15.83
N VAL A 662 -29.54 8.69 15.79
CA VAL A 662 -30.26 8.92 14.54
C VAL A 662 -30.42 10.43 14.38
N VAL A 663 -29.92 10.94 13.27
CA VAL A 663 -30.00 12.36 12.95
C VAL A 663 -31.14 12.57 11.96
N GLU A 664 -32.04 13.50 12.28
CA GLU A 664 -33.08 13.93 11.37
C GLU A 664 -32.53 14.85 10.30
N LEU A 665 -32.95 14.61 9.06
CA LEU A 665 -32.67 15.58 8.01
C LEU A 665 -33.80 16.59 7.91
N PRO A 666 -33.51 17.76 7.36
CA PRO A 666 -34.58 18.75 7.19
C PRO A 666 -35.73 18.19 6.39
N GLY A 667 -36.95 18.64 6.72
CA GLY A 667 -38.13 18.11 6.08
C GLY A 667 -38.14 18.25 4.57
N SER A 668 -37.46 19.27 4.05
CA SER A 668 -37.47 19.51 2.60
C SER A 668 -36.89 18.34 1.84
N VAL A 669 -35.92 17.63 2.43
CA VAL A 669 -35.25 16.52 1.76
C VAL A 669 -36.26 15.41 1.46
N ALA A 670 -36.94 14.94 2.51
CA ALA A 670 -37.93 13.90 2.31
C ALA A 670 -39.03 14.36 1.36
N ALA A 671 -39.51 15.61 1.53
CA ALA A 671 -40.54 16.11 0.61
C ALA A 671 -40.04 16.06 -0.83
N LEU A 672 -38.76 16.33 -1.02
CA LEU A 672 -38.17 16.24 -2.36
C LEU A 672 -38.26 14.81 -2.89
N ALA A 673 -37.89 13.83 -2.06
CA ALA A 673 -37.97 12.43 -2.45
C ALA A 673 -39.39 12.06 -2.89
N ALA A 674 -40.38 12.38 -2.05
CA ALA A 674 -41.76 12.05 -2.36
C ALA A 674 -42.22 12.71 -3.66
N GLY A 675 -41.71 13.91 -3.96
CA GLY A 675 -42.14 14.63 -5.14
C GLY A 675 -41.60 14.11 -6.44
N LEU A 676 -40.57 13.26 -6.40
CA LEU A 676 -39.90 12.83 -7.61
C LEU A 676 -40.84 12.01 -8.50
N SER A 677 -40.85 12.33 -9.78
CA SER A 677 -41.59 11.52 -10.75
C SER A 677 -41.07 10.09 -10.75
N ASP A 678 -41.96 9.14 -10.92
CA ASP A 678 -41.57 7.73 -10.87
C ASP A 678 -40.51 7.44 -11.92
N GLY A 679 -39.52 6.64 -11.53
CA GLY A 679 -38.43 6.28 -12.41
C GLY A 679 -37.42 7.37 -12.67
N ARG A 680 -37.50 8.50 -11.95
CA ARG A 680 -36.53 9.57 -12.11
C ARG A 680 -35.39 9.38 -11.11
N PRO A 681 -34.15 9.23 -11.55
CA PRO A 681 -33.06 8.91 -10.60
C PRO A 681 -32.66 10.11 -9.75
N ALA A 682 -32.29 9.82 -8.50
CA ALA A 682 -31.87 10.86 -7.58
C ALA A 682 -31.07 10.21 -6.44
N VAL A 683 -30.02 10.92 -6.00
CA VAL A 683 -29.08 10.38 -5.03
C VAL A 683 -28.99 11.38 -3.87
N LEU A 684 -29.32 10.91 -2.67
CA LEU A 684 -29.09 11.67 -1.44
C LEU A 684 -27.79 11.17 -0.81
N THR A 685 -26.85 12.09 -0.61
CA THR A 685 -25.55 11.78 -0.03
C THR A 685 -25.40 12.60 1.25
N VAL A 686 -25.03 11.92 2.34
CA VAL A 686 -24.71 12.56 3.61
C VAL A 686 -23.22 12.38 3.85
N ARG A 687 -22.53 13.45 4.21
CA ARG A 687 -21.08 13.43 4.33
C ARG A 687 -20.66 14.02 5.66
N ALA A 688 -19.62 13.44 6.23
CA ALA A 688 -18.93 14.01 7.39
C ALA A 688 -17.63 14.60 6.89
N VAL A 689 -17.50 15.93 6.99
CA VAL A 689 -16.27 16.59 6.58
C VAL A 689 -15.68 17.31 7.79
N LEU A 690 -14.40 17.65 7.69
CA LEU A 690 -13.77 18.44 8.75
C LEU A 690 -14.39 19.83 8.81
N GLY A 691 -14.84 20.20 10.01
CA GLY A 691 -15.37 21.53 10.23
C GLY A 691 -14.33 22.62 10.20
N ALA A 692 -13.07 22.28 10.48
CA ALA A 692 -11.98 23.24 10.46
C ALA A 692 -10.71 22.58 9.94
N ASP A 693 -9.81 23.40 9.39
CA ASP A 693 -8.49 22.92 9.04
C ASP A 693 -7.92 22.08 10.18
N SER A 694 -7.35 20.94 9.84
CA SER A 694 -6.56 20.16 10.76
C SER A 694 -5.10 20.21 10.30
N ALA A 695 -4.25 19.51 11.03
CA ALA A 695 -2.83 19.48 10.69
C ALA A 695 -2.57 18.69 9.42
N TRP A 696 -3.54 17.90 8.96
CA TRP A 696 -3.32 16.95 7.86
C TRP A 696 -4.25 17.16 6.67
N ALA A 697 -5.16 18.14 6.71
CA ALA A 697 -6.09 18.42 5.63
C ALA A 697 -6.85 19.70 5.96
N ASP A 698 -7.45 20.31 4.94
CA ASP A 698 -8.20 21.55 5.09
C ASP A 698 -9.65 21.27 5.49
N ALA A 699 -10.30 22.31 6.05
CA ALA A 699 -11.73 22.21 6.33
C ALA A 699 -12.47 21.75 5.08
N GLY A 700 -13.54 21.00 5.30
CA GLY A 700 -14.29 20.45 4.20
C GLY A 700 -13.78 19.13 3.70
N HIS A 701 -12.62 18.68 4.17
CA HIS A 701 -12.10 17.37 3.75
C HIS A 701 -13.05 16.26 4.18
N GLU A 702 -13.38 15.38 3.25
CA GLU A 702 -14.36 14.34 3.51
C GLU A 702 -13.72 13.19 4.25
N VAL A 703 -14.37 12.74 5.32
CA VAL A 703 -13.91 11.62 6.13
C VAL A 703 -14.83 10.40 5.98
N ALA A 704 -16.14 10.61 6.01
CA ALA A 704 -17.08 9.51 5.94
C ALA A 704 -18.30 9.95 5.13
N TRP A 705 -19.01 8.97 4.58
CA TRP A 705 -20.19 9.30 3.78
C TRP A 705 -21.13 8.12 3.70
N GLY A 706 -22.38 8.43 3.38
CA GLY A 706 -23.37 7.40 3.09
C GLY A 706 -24.43 7.96 2.15
N GLN A 707 -25.10 7.05 1.46
CA GLN A 707 -26.03 7.45 0.41
C GLN A 707 -27.33 6.67 0.51
N SER A 708 -28.38 7.27 -0.06
CA SER A 708 -29.60 6.54 -0.42
C SER A 708 -29.97 6.92 -1.85
N VAL A 709 -30.24 5.93 -2.69
CA VAL A 709 -30.48 6.12 -4.12
C VAL A 709 -31.94 5.80 -4.45
N ARG A 710 -32.58 6.69 -5.19
CA ARG A 710 -33.84 6.38 -5.86
C ARG A 710 -33.49 5.95 -7.26
N GLU A 711 -33.70 4.67 -7.56
CA GLU A 711 -33.23 4.06 -8.78
C GLU A 711 -34.12 4.48 -9.96
N PRO A 712 -33.54 4.62 -11.15
CA PRO A 712 -34.37 4.80 -12.34
C PRO A 712 -35.10 3.50 -12.66
N GLY A 713 -36.30 3.66 -13.20
CA GLY A 713 -37.04 2.51 -13.67
C GLY A 713 -36.25 1.65 -14.63
N ALA A 714 -36.60 0.37 -14.74
CA ALA A 714 -36.00 -0.47 -15.77
C ALA A 714 -36.34 0.13 -17.13
N PRO A 715 -35.36 0.30 -18.03
CA PRO A 715 -35.65 0.95 -19.31
C PRO A 715 -36.69 0.17 -20.11
N VAL A 716 -37.60 0.88 -20.74
CA VAL A 716 -38.67 0.22 -21.49
C VAL A 716 -38.12 -0.33 -22.80
N PRO A 717 -38.30 -1.60 -23.11
CA PRO A 717 -37.90 -2.09 -24.44
C PRO A 717 -38.66 -1.36 -25.53
N PRO A 718 -38.00 -0.96 -26.61
CA PRO A 718 -38.71 -0.32 -27.72
C PRO A 718 -39.74 -1.27 -28.33
N ALA A 719 -40.82 -0.69 -28.80
CA ALA A 719 -41.82 -1.50 -29.51
C ALA A 719 -41.22 -2.01 -30.82
N PRO A 720 -41.30 -3.34 -31.11
CA PRO A 720 -40.65 -3.87 -32.34
C PRO A 720 -41.50 -3.62 -33.58
N VAL A 721 -41.62 -2.34 -33.93
CA VAL A 721 -42.47 -1.93 -35.04
C VAL A 721 -41.70 -1.68 -36.31
N GLU A 722 -40.38 -1.81 -36.28
CA GLU A 722 -39.68 -1.63 -37.53
C GLU A 722 -39.42 -2.99 -38.17
N PRO A 723 -39.59 -3.18 -39.47
CA PRO A 723 -39.29 -4.48 -40.09
C PRO A 723 -37.81 -4.56 -40.41
N VAL A 724 -37.35 -5.79 -40.72
CA VAL A 724 -36.00 -6.00 -41.22
C VAL A 724 -36.02 -5.99 -42.74
N GLN A 725 -35.23 -5.08 -43.31
CA GLN A 725 -34.93 -5.12 -44.74
C GLN A 725 -33.99 -6.26 -45.01
N VAL A 726 -34.22 -6.96 -46.13
CA VAL A 726 -33.35 -8.05 -46.54
C VAL A 726 -32.72 -7.67 -47.86
N GLN A 727 -31.39 -7.72 -47.91
CA GLN A 727 -30.65 -7.54 -49.15
C GLN A 727 -29.70 -8.71 -49.33
N ASP A 728 -28.97 -8.71 -50.44
CA ASP A 728 -28.09 -9.83 -50.77
C ASP A 728 -27.12 -10.12 -49.62
N SER A 729 -26.32 -9.14 -49.23
CA SER A 729 -25.26 -9.37 -48.24
C SER A 729 -25.50 -8.64 -46.93
N GLU A 730 -26.64 -7.96 -46.77
CA GLU A 730 -26.87 -7.13 -45.60
C GLU A 730 -28.32 -7.21 -45.18
N LEU A 731 -28.54 -6.99 -43.89
CA LEU A 731 -29.86 -6.81 -43.32
C LEU A 731 -29.92 -5.48 -42.60
N THR A 732 -31.06 -4.80 -42.69
CA THR A 732 -31.26 -3.56 -41.97
C THR A 732 -32.49 -3.70 -41.09
N LEU A 733 -32.34 -3.30 -39.83
CA LEU A 733 -33.44 -3.26 -38.86
C LEU A 733 -33.32 -1.88 -38.20
N GLY A 734 -34.05 -0.91 -38.74
CA GLY A 734 -33.96 0.46 -38.29
C GLY A 734 -32.55 0.99 -38.47
N PRO A 735 -31.93 1.49 -37.40
CA PRO A 735 -30.59 2.06 -37.50
C PRO A 735 -29.45 1.04 -37.52
N VAL A 736 -29.74 -0.25 -37.29
CA VAL A 736 -28.72 -1.29 -37.27
C VAL A 736 -28.61 -1.90 -38.66
N VAL A 737 -27.36 -2.08 -39.11
CA VAL A 737 -27.07 -2.79 -40.35
C VAL A 737 -26.29 -4.04 -39.97
N PHE A 738 -26.75 -5.19 -40.42
CA PHE A 738 -26.09 -6.45 -40.11
C PHE A 738 -25.42 -7.02 -41.36
N SER A 739 -24.26 -7.63 -41.16
CA SER A 739 -23.69 -8.50 -42.18
C SER A 739 -24.51 -9.76 -42.24
N ARG A 740 -25.07 -10.05 -43.42
CA ARG A 740 -25.88 -11.24 -43.56
C ARG A 740 -25.03 -12.50 -43.39
N ALA A 741 -23.75 -12.41 -43.71
CA ALA A 741 -22.86 -13.58 -43.57
C ALA A 741 -22.55 -13.89 -42.11
N THR A 742 -22.39 -12.88 -41.26
CA THR A 742 -22.06 -13.14 -39.86
C THR A 742 -23.26 -12.99 -38.93
N GLY A 743 -24.31 -12.29 -39.36
CA GLY A 743 -25.39 -11.95 -38.45
C GLY A 743 -25.05 -10.89 -37.43
N MET A 744 -23.83 -10.37 -37.44
CA MET A 744 -23.47 -9.37 -36.45
C MET A 744 -23.64 -7.97 -37.02
N PRO A 745 -23.90 -7.00 -36.14
CA PRO A 745 -24.06 -5.63 -36.62
C PRO A 745 -22.78 -5.13 -37.25
N THR A 746 -22.96 -4.36 -38.31
CA THR A 746 -21.88 -3.70 -39.03
C THR A 746 -21.90 -2.19 -38.84
N SER A 747 -23.00 -1.64 -38.35
CA SER A 747 -23.08 -0.24 -37.96
C SER A 747 -24.37 -0.05 -37.19
N ILE A 748 -24.37 0.95 -36.31
CA ILE A 748 -25.56 1.35 -35.57
C ILE A 748 -25.64 2.87 -35.63
N GLY A 749 -26.66 3.39 -36.31
CA GLY A 749 -26.82 4.82 -36.46
C GLY A 749 -25.64 5.49 -37.11
N GLY A 750 -25.02 4.81 -38.08
CA GLY A 750 -23.86 5.33 -38.75
C GLY A 750 -22.55 5.11 -38.05
N VAL A 751 -22.56 4.59 -36.82
CA VAL A 751 -21.32 4.29 -36.11
C VAL A 751 -20.87 2.91 -36.56
N PRO A 752 -19.67 2.78 -37.14
CA PRO A 752 -19.22 1.47 -37.61
C PRO A 752 -18.95 0.51 -36.46
N VAL A 753 -19.46 -0.71 -36.59
CA VAL A 753 -19.21 -1.78 -35.66
C VAL A 753 -18.33 -2.79 -36.37
N GLU A 754 -17.09 -2.96 -35.90
CA GLU A 754 -16.22 -3.92 -36.56
C GLU A 754 -16.40 -5.33 -36.02
N LYS A 755 -16.79 -5.47 -34.76
CA LYS A 755 -17.01 -6.80 -34.20
C LYS A 755 -17.95 -6.69 -33.01
N LEU A 756 -18.71 -7.76 -32.79
CA LEU A 756 -19.53 -7.93 -31.61
C LEU A 756 -19.48 -9.40 -31.22
N GLY A 757 -19.24 -9.68 -29.94
CA GLY A 757 -19.16 -11.07 -29.53
C GLY A 757 -19.24 -11.21 -28.02
N LEU A 758 -19.34 -12.47 -27.60
CA LEU A 758 -19.35 -12.77 -26.19
C LEU A 758 -17.94 -12.66 -25.65
N THR A 759 -17.84 -12.21 -24.41
CA THR A 759 -16.59 -12.23 -23.64
C THR A 759 -16.79 -13.07 -22.40
N LEU A 760 -15.73 -13.84 -22.06
CA LEU A 760 -15.66 -14.64 -20.84
C LEU A 760 -14.36 -14.45 -20.08
N TRP A 761 -13.48 -13.58 -20.56
CA TRP A 761 -12.09 -13.54 -20.16
C TRP A 761 -11.67 -12.09 -20.01
N TRP A 762 -10.69 -11.84 -19.15
CA TRP A 762 -10.04 -10.52 -19.13
C TRP A 762 -8.55 -10.72 -19.01
N ALA A 763 -7.81 -9.68 -19.33
CA ALA A 763 -6.35 -9.71 -19.26
C ALA A 763 -5.91 -9.90 -17.80
N PRO A 764 -5.26 -11.01 -17.45
CA PRO A 764 -5.06 -11.34 -16.04
C PRO A 764 -4.50 -10.19 -15.24
N THR A 765 -5.07 -10.02 -14.07
CA THR A 765 -4.50 -9.15 -13.06
C THR A 765 -3.30 -9.81 -12.40
N ASP A 766 -2.53 -9.01 -11.66
CA ASP A 766 -1.44 -9.60 -10.87
C ASP A 766 -1.96 -10.72 -9.99
N ASN A 767 -3.13 -10.52 -9.38
CA ASN A 767 -3.74 -11.58 -8.56
C ASN A 767 -4.03 -12.82 -9.35
N ASP A 768 -4.56 -12.68 -10.59
CA ASP A 768 -4.87 -13.85 -11.41
C ASP A 768 -3.62 -14.64 -11.76
N LEU A 769 -2.44 -14.03 -11.70
CA LEU A 769 -1.19 -14.73 -11.99
C LEU A 769 -0.64 -15.46 -10.77
N GLY A 770 -1.24 -15.30 -9.59
CA GLY A 770 -0.79 -15.99 -8.40
C GLY A 770 -1.52 -17.30 -8.21
N ARG A 771 -0.84 -18.24 -7.52
CA ARG A 771 -1.43 -19.54 -7.25
C ARG A 771 -2.41 -19.43 -6.11
N GLU A 772 -3.59 -20.02 -6.31
CA GLU A 772 -4.55 -20.19 -5.23
C GLU A 772 -4.31 -21.57 -4.64
N TRP A 773 -3.85 -21.59 -3.41
CA TRP A 773 -3.45 -22.82 -2.77
C TRP A 773 -4.70 -23.61 -2.33
N GLY A 774 -4.50 -24.90 -2.09
CA GLY A 774 -5.59 -25.80 -1.85
C GLY A 774 -6.16 -26.37 -3.13
N GLY A 775 -7.01 -27.38 -2.96
CA GLY A 775 -7.46 -28.12 -4.11
C GLY A 775 -6.27 -28.81 -4.76
N ALA A 776 -6.56 -29.67 -5.74
CA ALA A 776 -5.50 -30.30 -6.52
C ALA A 776 -4.99 -29.39 -7.61
N ASP A 777 -5.64 -28.24 -7.81
CA ASP A 777 -5.31 -27.34 -8.91
C ASP A 777 -4.59 -26.16 -8.32
N GLU A 778 -3.31 -26.08 -8.58
CA GLU A 778 -2.57 -24.90 -8.19
C GLU A 778 -2.04 -24.15 -9.39
N ARG A 779 -2.67 -24.31 -10.55
CA ARG A 779 -2.44 -23.38 -11.63
C ARG A 779 -3.03 -22.03 -11.23
N PRO A 780 -2.32 -20.94 -11.47
CA PRO A 780 -2.95 -19.63 -11.34
C PRO A 780 -4.17 -19.57 -12.24
N LEU A 781 -5.15 -18.77 -11.83
CA LEU A 781 -6.34 -18.60 -12.66
C LEU A 781 -5.98 -18.18 -14.08
N ALA A 782 -4.95 -17.36 -14.25
CA ALA A 782 -4.55 -16.94 -15.59
C ALA A 782 -4.17 -18.14 -16.46
N THR A 783 -3.49 -19.12 -15.84
CA THR A 783 -3.09 -20.32 -16.55
C THR A 783 -4.29 -21.22 -16.82
N GLN A 784 -5.20 -21.34 -15.85
CA GLN A 784 -6.43 -22.10 -16.10
C GLN A 784 -7.17 -21.55 -17.31
N TRP A 785 -7.26 -20.22 -17.43
CA TRP A 785 -7.94 -19.58 -18.55
C TRP A 785 -7.24 -19.89 -19.87
N LYS A 786 -5.93 -19.71 -19.90
CA LYS A 786 -5.11 -20.04 -21.06
C LYS A 786 -5.32 -21.48 -21.49
N ASP A 787 -5.16 -22.41 -20.56
CA ASP A 787 -5.37 -23.82 -20.86
C ASP A 787 -6.76 -24.08 -21.41
N ALA A 788 -7.74 -23.33 -20.92
CA ALA A 788 -9.14 -23.54 -21.31
C ALA A 788 -9.49 -22.86 -22.62
N GLY A 789 -8.65 -21.95 -23.12
CA GLY A 789 -8.92 -21.25 -24.34
C GLY A 789 -9.79 -20.02 -24.21
N LEU A 790 -10.01 -19.52 -22.98
CA LEU A 790 -10.97 -18.43 -22.82
C LEU A 790 -10.52 -17.14 -23.48
N ASN A 791 -9.22 -16.99 -23.76
CA ASN A 791 -8.71 -15.79 -24.41
C ASN A 791 -8.84 -15.87 -25.93
N ARG A 792 -9.29 -17.00 -26.46
CA ARG A 792 -9.30 -17.22 -27.90
C ARG A 792 -10.62 -17.87 -28.31
N LEU A 793 -11.71 -17.25 -27.91
CA LEU A 793 -13.03 -17.75 -28.24
C LEU A 793 -13.31 -17.64 -29.74
N HIS A 794 -14.00 -18.62 -30.28
CA HIS A 794 -14.46 -18.57 -31.67
C HIS A 794 -15.96 -18.74 -31.68
N THR A 795 -16.60 -18.14 -32.68
CA THR A 795 -18.05 -18.14 -32.82
C THR A 795 -18.46 -18.81 -34.13
N ARG A 796 -19.38 -19.75 -34.04
CA ARG A 796 -20.02 -20.34 -35.19
C ARG A 796 -21.45 -19.82 -35.28
N LEU A 797 -21.84 -19.42 -36.48
CA LEU A 797 -23.22 -19.00 -36.74
C LEU A 797 -24.08 -20.23 -36.99
N LEU A 798 -25.19 -20.34 -36.25
CA LEU A 798 -26.13 -21.44 -36.44
C LEU A 798 -27.33 -21.04 -37.32
N GLY A 799 -27.79 -19.80 -37.23
CA GLY A 799 -28.90 -19.37 -38.05
C GLY A 799 -29.25 -17.92 -37.78
N ILE A 800 -29.97 -17.33 -38.74
CA ILE A 800 -30.51 -15.98 -38.65
C ILE A 800 -31.97 -16.05 -39.04
N SER A 801 -32.83 -15.44 -38.24
CA SER A 801 -34.26 -15.58 -38.50
C SER A 801 -34.99 -14.31 -38.04
N ALA A 802 -35.97 -13.88 -38.82
CA ALA A 802 -36.82 -12.77 -38.43
C ALA A 802 -38.18 -13.33 -38.01
N ASN A 803 -38.83 -12.66 -37.06
CA ASN A 803 -40.02 -13.18 -36.43
C ASN A 803 -41.02 -12.05 -36.23
N PRO A 804 -42.31 -12.38 -36.12
CA PRO A 804 -43.32 -11.32 -36.07
C PRO A 804 -43.15 -10.45 -34.83
N GLY A 805 -43.08 -9.15 -35.05
CA GLY A 805 -42.98 -8.17 -33.97
C GLY A 805 -44.29 -7.47 -33.66
N GLN A 806 -44.42 -6.21 -34.08
CA GLN A 806 -45.60 -5.42 -33.76
C GLN A 806 -45.92 -4.49 -34.92
N ASP A 807 -47.18 -4.49 -35.34
CA ASP A 807 -47.68 -3.58 -36.39
C ASP A 807 -46.78 -3.63 -37.63
N GLY A 808 -46.55 -4.84 -38.13
CA GLY A 808 -45.66 -5.03 -39.26
C GLY A 808 -44.20 -5.11 -38.90
N GLY A 809 -43.81 -4.74 -37.70
CA GLY A 809 -42.42 -4.85 -37.31
C GLY A 809 -42.04 -6.28 -37.09
N GLU A 810 -40.75 -6.49 -36.81
CA GLU A 810 -40.28 -7.83 -36.50
C GLU A 810 -38.99 -7.72 -35.71
N THR A 811 -38.70 -8.81 -35.02
CA THR A 811 -37.45 -8.97 -34.31
C THR A 811 -36.54 -9.84 -35.16
N LEU A 812 -35.23 -9.68 -34.97
CA LEU A 812 -34.22 -10.48 -35.63
C LEU A 812 -33.46 -11.29 -34.59
N THR A 813 -33.45 -12.60 -34.76
CA THR A 813 -32.72 -13.46 -33.84
C THR A 813 -31.53 -14.05 -34.58
N VAL A 814 -30.37 -13.96 -33.96
CA VAL A 814 -29.13 -14.51 -34.49
C VAL A 814 -28.65 -15.56 -33.50
N ARG A 815 -28.53 -16.79 -33.96
CA ARG A 815 -28.17 -17.92 -33.10
C ARG A 815 -26.73 -18.31 -33.37
N THR A 816 -25.90 -18.32 -32.32
CA THR A 816 -24.47 -18.61 -32.42
C THR A 816 -24.07 -19.64 -31.34
N ARG A 817 -22.90 -20.25 -31.53
CA ARG A 817 -22.25 -21.04 -30.49
C ARG A 817 -20.82 -20.55 -30.32
N VAL A 818 -20.41 -20.36 -29.07
CA VAL A 818 -19.07 -19.89 -28.76
C VAL A 818 -18.31 -21.02 -28.10
N SER A 819 -17.06 -21.16 -28.49
CA SER A 819 -16.18 -22.19 -27.96
C SER A 819 -14.75 -21.76 -28.25
N ALA A 820 -13.82 -22.71 -28.23
CA ALA A 820 -12.44 -22.39 -28.54
C ALA A 820 -11.85 -23.60 -29.21
N ALA A 821 -10.81 -23.38 -29.98
CA ALA A 821 -10.13 -24.48 -30.65
C ALA A 821 -9.74 -25.59 -29.67
N ASP A 822 -10.06 -26.80 -30.06
CA ASP A 822 -9.71 -28.05 -29.40
C ASP A 822 -10.56 -28.36 -28.17
N LYS A 823 -11.58 -27.55 -27.89
CA LYS A 823 -12.48 -27.79 -26.78
C LYS A 823 -13.86 -28.27 -27.25
N GLN A 824 -14.47 -29.13 -26.43
CA GLN A 824 -15.80 -29.66 -26.70
C GLN A 824 -16.91 -28.90 -26.00
N TYR A 825 -16.59 -28.12 -24.97
CA TYR A 825 -17.59 -27.33 -24.27
C TYR A 825 -17.84 -26.01 -25.00
N GLY A 826 -19.07 -25.50 -24.87
CA GLY A 826 -19.37 -24.22 -25.48
C GLY A 826 -20.55 -23.55 -24.79
N VAL A 827 -20.91 -22.37 -25.28
CA VAL A 827 -22.15 -21.70 -24.88
C VAL A 827 -22.95 -21.33 -26.13
N LEU A 828 -24.26 -21.49 -26.04
CA LEU A 828 -25.15 -21.06 -27.10
C LEU A 828 -25.58 -19.65 -26.78
N VAL A 829 -25.27 -18.72 -27.68
CA VAL A 829 -25.56 -17.32 -27.49
C VAL A 829 -26.54 -16.90 -28.58
N ASP A 830 -27.74 -16.46 -28.18
CA ASP A 830 -28.74 -15.93 -29.11
C ASP A 830 -28.94 -14.44 -28.85
N TYR A 831 -28.76 -13.63 -29.89
CA TYR A 831 -29.05 -12.21 -29.88
C TYR A 831 -30.42 -11.96 -30.51
N THR A 832 -31.30 -11.25 -29.79
CA THR A 832 -32.59 -10.85 -30.35
C THR A 832 -32.65 -9.34 -30.42
N TRP A 833 -32.75 -8.82 -31.63
CA TRP A 833 -32.74 -7.39 -31.88
C TRP A 833 -34.16 -6.90 -32.18
N SER A 834 -34.44 -5.68 -31.75
CA SER A 834 -35.73 -5.03 -31.98
C SER A 834 -35.49 -3.54 -32.06
N THR A 835 -36.35 -2.83 -32.79
CA THR A 835 -36.22 -1.38 -32.87
C THR A 835 -37.56 -0.74 -33.24
N ASP A 836 -37.84 0.39 -32.60
CA ASP A 836 -38.92 1.25 -33.03
C ASP A 836 -38.43 2.34 -33.97
N GLY A 837 -37.20 2.23 -34.49
CA GLY A 837 -36.60 3.23 -35.34
C GLY A 837 -35.63 4.15 -34.62
N GLU A 838 -35.85 4.40 -33.33
CA GLU A 838 -35.00 5.30 -32.56
C GLU A 838 -34.11 4.55 -31.59
N THR A 839 -34.69 3.72 -30.72
CA THR A 839 -33.93 2.90 -29.81
C THR A 839 -33.86 1.47 -30.32
N VAL A 840 -32.74 0.83 -30.04
CA VAL A 840 -32.49 -0.56 -30.38
C VAL A 840 -32.56 -1.40 -29.12
N GLY A 841 -33.35 -2.47 -29.17
CA GLY A 841 -33.43 -3.42 -28.07
C GLY A 841 -32.61 -4.65 -28.40
N LEU A 842 -31.74 -5.04 -27.46
CA LEU A 842 -30.92 -6.24 -27.61
C LEU A 842 -31.09 -7.14 -26.41
N ARG A 843 -31.60 -8.35 -26.65
CA ARG A 843 -31.68 -9.40 -25.65
C ARG A 843 -30.62 -10.45 -25.97
N THR A 844 -29.81 -10.82 -24.97
CA THR A 844 -28.76 -11.81 -25.13
C THR A 844 -29.07 -12.97 -24.21
N GLN A 845 -29.04 -14.20 -24.74
CA GLN A 845 -29.30 -15.39 -23.96
C GLN A 845 -28.08 -16.29 -24.09
N VAL A 846 -27.55 -16.73 -22.94
CA VAL A 846 -26.39 -17.60 -22.88
C VAL A 846 -26.82 -18.93 -22.27
N ARG A 847 -26.42 -20.02 -22.90
CA ARG A 847 -26.75 -21.34 -22.37
C ARG A 847 -25.56 -22.26 -22.52
N ARG A 848 -25.20 -22.92 -21.42
CA ARG A 848 -24.08 -23.85 -21.44
C ARG A 848 -24.39 -25.06 -22.30
N ASP A 849 -23.41 -25.44 -23.12
CA ASP A 849 -23.49 -26.63 -23.96
C ASP A 849 -22.31 -27.52 -23.62
N GLY A 850 -22.56 -28.59 -22.90
CA GLY A 850 -21.51 -29.48 -22.46
C GLY A 850 -20.86 -29.00 -21.18
N THR A 851 -20.06 -29.88 -20.58
CA THR A 851 -19.49 -29.62 -19.27
C THR A 851 -18.21 -28.80 -19.40
N TRP A 852 -18.17 -27.67 -18.70
CA TRP A 852 -17.06 -26.73 -18.78
C TRP A 852 -15.96 -27.19 -17.81
N VAL A 853 -15.24 -28.21 -18.23
CA VAL A 853 -14.17 -28.82 -17.48
C VAL A 853 -12.98 -29.00 -18.42
N ASN A 854 -11.78 -28.72 -17.92
CA ASN A 854 -10.57 -28.80 -18.71
C ASN A 854 -9.39 -29.12 -17.80
N ARG A 855 -8.54 -30.03 -18.26
CA ARG A 855 -7.43 -30.54 -17.44
C ARG A 855 -7.94 -31.09 -16.12
N GLY A 856 -9.13 -31.67 -16.13
CA GLY A 856 -9.68 -32.25 -14.92
C GLY A 856 -10.29 -31.29 -13.93
N PHE A 857 -10.32 -29.98 -14.22
CA PHE A 857 -10.87 -29.02 -13.29
C PHE A 857 -11.90 -28.15 -13.98
N GLU A 858 -12.92 -27.79 -13.22
CA GLU A 858 -13.96 -26.90 -13.71
C GLU A 858 -13.37 -25.55 -14.12
N VAL A 859 -13.78 -25.08 -15.28
CA VAL A 859 -13.36 -23.80 -15.81
C VAL A 859 -14.18 -22.72 -15.10
N GLU A 860 -13.52 -21.67 -14.65
CA GLU A 860 -14.21 -20.51 -14.12
C GLU A 860 -14.12 -19.41 -15.16
N TRP A 861 -15.10 -18.53 -15.17
CA TRP A 861 -15.13 -17.38 -16.05
C TRP A 861 -14.71 -16.11 -15.32
N ALA A 862 -14.15 -15.17 -16.09
CA ALA A 862 -13.90 -13.81 -15.62
C ALA A 862 -15.13 -12.95 -15.70
N ARG A 863 -16.05 -13.26 -16.63
CA ARG A 863 -17.15 -12.36 -16.94
C ARG A 863 -18.14 -13.08 -17.83
N ILE A 864 -19.35 -12.52 -17.89
CA ILE A 864 -20.33 -12.81 -18.93
C ILE A 864 -20.66 -11.45 -19.53
N GLY A 865 -20.09 -11.15 -20.70
CA GLY A 865 -20.31 -9.84 -21.29
C GLY A 865 -20.34 -9.81 -22.79
N LEU A 866 -20.44 -8.60 -23.33
CA LEU A 866 -20.28 -8.34 -24.75
C LEU A 866 -19.12 -7.38 -24.97
N GLU A 867 -18.36 -7.63 -26.03
CA GLU A 867 -17.37 -6.69 -26.53
C GLU A 867 -17.87 -6.11 -27.84
N PHE A 868 -18.06 -4.79 -27.87
CA PHE A 868 -18.28 -4.06 -29.11
C PHE A 868 -16.96 -3.42 -29.52
N VAL A 869 -16.51 -3.70 -30.74
CA VAL A 869 -15.36 -3.01 -31.34
C VAL A 869 -15.90 -2.05 -32.38
N LEU A 870 -15.76 -0.76 -32.09
CA LEU A 870 -16.27 0.29 -32.97
C LEU A 870 -15.13 0.86 -33.79
N GLY A 871 -15.46 1.31 -35.00
CA GLY A 871 -14.45 1.74 -35.94
C GLY A 871 -14.13 3.22 -35.86
N GLU A 872 -14.40 3.82 -34.71
CA GLU A 872 -14.06 5.23 -34.47
C GLU A 872 -13.61 5.36 -33.02
N GLU A 873 -12.83 6.40 -32.75
CA GLU A 873 -12.32 6.66 -31.42
C GLU A 873 -13.38 7.29 -30.52
N THR A 874 -13.22 7.11 -29.22
CA THR A 874 -14.10 7.72 -28.22
C THR A 874 -13.35 8.80 -27.46
N GLU A 875 -13.94 9.99 -27.39
CA GLU A 875 -13.29 11.08 -26.69
C GLU A 875 -13.73 11.15 -25.23
N LEU A 876 -14.99 10.85 -24.96
CA LEU A 876 -15.58 11.04 -23.64
C LEU A 876 -16.45 9.84 -23.29
N VAL A 877 -16.43 9.46 -22.02
CA VAL A 877 -17.26 8.41 -21.48
C VAL A 877 -18.01 8.96 -20.26
N SER A 878 -19.34 8.81 -20.27
CA SER A 878 -20.18 9.29 -19.18
C SER A 878 -21.12 8.18 -18.74
N TRP A 879 -21.48 8.18 -17.47
CA TRP A 879 -22.34 7.11 -16.99
C TRP A 879 -23.03 7.50 -15.71
N PHE A 880 -24.19 6.89 -15.49
CA PHE A 880 -24.82 6.89 -14.18
C PHE A 880 -24.60 5.53 -13.55
N GLY A 881 -23.96 5.52 -12.38
CA GLY A 881 -23.61 4.29 -11.71
C GLY A 881 -22.69 4.61 -10.56
N GLN A 882 -21.63 3.83 -10.39
CA GLN A 882 -20.67 3.96 -9.31
C GLN A 882 -19.38 4.58 -9.82
N GLY A 883 -18.79 5.48 -9.05
CA GLY A 883 -17.59 6.13 -9.51
C GLY A 883 -17.04 7.19 -8.56
N PRO A 884 -16.07 7.96 -9.06
CA PRO A 884 -15.59 7.97 -10.45
C PRO A 884 -14.66 6.81 -10.85
N HIS A 885 -13.98 6.20 -9.89
CA HIS A 885 -12.96 5.20 -10.18
C HIS A 885 -13.60 3.81 -10.33
N GLN A 886 -12.76 2.86 -10.70
CA GLN A 886 -13.23 1.53 -11.08
C GLN A 886 -13.89 0.80 -9.92
N SER A 887 -14.68 -0.22 -10.25
CA SER A 887 -15.30 -1.08 -9.25
C SER A 887 -15.55 -2.46 -9.83
N TYR A 888 -15.17 -3.47 -9.03
CA TYR A 888 -15.35 -4.87 -9.32
C TYR A 888 -16.19 -5.44 -8.20
N PRO A 889 -16.68 -6.68 -8.30
CA PRO A 889 -17.62 -7.16 -7.28
C PRO A 889 -17.11 -7.10 -5.84
N ASP A 890 -15.84 -7.38 -5.61
CA ASP A 890 -15.26 -7.36 -4.27
C ASP A 890 -14.41 -6.12 -4.01
N THR A 891 -14.60 -5.09 -4.83
CA THR A 891 -13.94 -3.82 -4.63
C THR A 891 -14.99 -2.74 -4.85
N GLY A 892 -14.51 -1.52 -5.13
CA GLY A 892 -15.37 -0.37 -5.40
C GLY A 892 -16.10 0.19 -4.21
N GLN A 893 -15.71 -0.15 -2.98
CA GLN A 893 -16.41 0.37 -1.81
C GLN A 893 -16.45 1.89 -1.85
N GLY A 894 -15.35 2.49 -2.31
CA GLY A 894 -15.21 3.93 -2.45
C GLY A 894 -15.87 4.56 -3.67
N ALA A 895 -16.33 3.75 -4.62
CA ALA A 895 -17.12 4.26 -5.75
C ALA A 895 -18.53 4.54 -5.26
N ARG A 896 -18.94 5.78 -5.30
CA ARG A 896 -20.26 6.14 -4.82
C ARG A 896 -21.22 6.28 -6.01
N ALA A 897 -22.50 6.28 -5.71
CA ALA A 897 -23.52 6.46 -6.76
C ALA A 897 -23.52 7.90 -7.25
N GLY A 898 -23.67 8.08 -8.57
CA GLY A 898 -23.75 9.42 -9.10
C GLY A 898 -23.66 9.43 -10.61
N TRP A 899 -23.46 10.64 -11.15
CA TRP A 899 -23.31 10.88 -12.58
C TRP A 899 -21.85 11.29 -12.82
N PHE A 900 -21.17 10.56 -13.69
CA PHE A 900 -19.73 10.73 -13.89
C PHE A 900 -19.45 10.91 -15.38
N SER A 901 -18.33 11.57 -15.66
CA SER A 901 -17.97 11.89 -17.04
C SER A 901 -16.48 12.11 -17.09
N LEU A 902 -15.77 11.33 -17.92
CA LEU A 902 -14.33 11.38 -17.98
C LEU A 902 -13.83 11.24 -19.42
N PRO A 903 -12.75 11.92 -19.77
CA PRO A 903 -12.10 11.62 -21.05
C PRO A 903 -11.57 10.20 -21.05
N LEU A 904 -11.49 9.63 -22.24
CA LEU A 904 -11.21 8.20 -22.35
C LEU A 904 -9.93 7.81 -21.60
N ALA A 905 -8.87 8.62 -21.70
CA ALA A 905 -7.62 8.25 -21.06
C ALA A 905 -7.80 8.10 -19.55
N LYS A 906 -8.66 8.93 -18.95
CA LYS A 906 -8.88 8.91 -17.51
C LYS A 906 -9.80 7.79 -17.05
N MET A 907 -10.35 6.99 -17.97
CA MET A 907 -11.07 5.78 -17.60
C MET A 907 -10.11 4.67 -17.25
N ASP A 908 -8.87 4.76 -17.72
CA ASP A 908 -7.87 3.74 -17.52
C ASP A 908 -7.22 3.92 -16.14
N VAL A 909 -6.49 2.90 -15.70
CA VAL A 909 -5.73 2.92 -14.46
C VAL A 909 -4.28 2.56 -14.79
N GLU A 910 -3.35 3.42 -14.38
CA GLU A 910 -1.97 3.32 -14.85
C GLU A 910 -1.12 2.35 -14.03
N TYR A 911 -1.60 1.11 -13.85
CA TYR A 911 -0.76 0.10 -13.24
C TYR A 911 0.50 -0.11 -14.06
N VAL A 912 1.60 -0.40 -13.36
CA VAL A 912 2.91 -0.42 -14.01
C VAL A 912 2.97 -1.52 -15.06
N ARG A 913 2.58 -2.73 -14.69
CA ARG A 913 2.32 -3.80 -15.65
C ARG A 913 0.85 -3.71 -16.03
N PRO A 914 0.50 -3.34 -17.27
CA PRO A 914 -0.91 -3.25 -17.64
C PRO A 914 -1.68 -4.56 -17.44
N GLN A 915 -2.95 -4.43 -17.10
CA GLN A 915 -3.78 -5.57 -16.72
C GLN A 915 -5.22 -5.11 -16.72
N GLU A 916 -6.14 -6.07 -16.63
CA GLU A 916 -7.55 -5.72 -16.54
C GLU A 916 -7.75 -4.67 -15.47
N CYS A 917 -8.51 -3.63 -15.81
CA CYS A 917 -8.76 -2.52 -14.91
C CYS A 917 -9.70 -1.56 -15.61
N GLY A 918 -10.32 -0.69 -14.82
CA GLY A 918 -11.16 0.35 -15.39
C GLY A 918 -12.62 0.01 -15.53
N ALA A 919 -13.05 -1.18 -15.15
CA ALA A 919 -14.47 -1.49 -15.24
C ALA A 919 -15.23 -0.65 -14.24
N ARG A 920 -16.43 -0.22 -14.63
CA ARG A 920 -17.33 0.53 -13.74
C ARG A 920 -18.52 -0.37 -13.50
N SER A 921 -18.51 -1.09 -12.40
CA SER A 921 -19.66 -1.93 -12.09
C SER A 921 -20.84 -1.08 -11.64
N GLY A 922 -22.03 -1.69 -11.72
CA GLY A 922 -23.23 -1.04 -11.23
C GLY A 922 -23.71 0.08 -12.13
N SER A 923 -23.38 0.05 -13.40
CA SER A 923 -23.76 1.11 -14.30
C SER A 923 -25.20 0.89 -14.77
N ARG A 924 -26.02 1.93 -14.71
CA ARG A 924 -27.37 1.89 -15.21
CA ARG A 924 -27.38 1.90 -15.21
C ARG A 924 -27.52 2.49 -16.59
N SER A 925 -26.68 3.47 -16.94
CA SER A 925 -26.69 4.08 -18.26
C SER A 925 -25.30 4.57 -18.59
N ALA A 926 -25.02 4.68 -19.88
CA ALA A 926 -23.71 5.16 -20.30
C ALA A 926 -23.83 5.89 -21.63
N ALA A 927 -22.91 6.82 -21.86
CA ALA A 927 -22.87 7.58 -23.09
C ALA A 927 -21.42 7.68 -23.53
N LEU A 928 -21.15 7.18 -24.74
CA LEU A 928 -19.85 7.33 -25.39
C LEU A 928 -19.96 8.38 -26.48
N GLN A 929 -19.03 9.32 -26.48
CA GLN A 929 -18.98 10.37 -27.47
C GLN A 929 -17.95 10.01 -28.53
N LEU A 930 -18.44 9.70 -29.73
CA LEU A 930 -17.58 9.38 -30.87
C LEU A 930 -17.67 10.54 -31.85
N GLY A 931 -16.86 11.57 -31.60
CA GLY A 931 -16.89 12.78 -32.38
C GLY A 931 -18.20 13.52 -32.18
N GLY A 932 -19.00 13.56 -33.25
CA GLY A 932 -20.29 14.23 -33.24
C GLY A 932 -21.46 13.33 -32.97
N ARG A 933 -21.24 12.02 -32.83
CA ARG A 933 -22.27 11.07 -32.45
C ARG A 933 -22.07 10.63 -31.01
N THR A 934 -23.17 10.33 -30.34
CA THR A 934 -23.20 9.88 -28.95
C THR A 934 -23.94 8.55 -28.90
N LEU A 935 -23.26 7.51 -28.43
CA LEU A 935 -23.82 6.17 -28.30
C LEU A 935 -24.27 5.96 -26.87
N GLU A 936 -25.56 5.74 -26.68
CA GLU A 936 -26.17 5.55 -25.37
C GLU A 936 -26.52 4.09 -25.14
N ILE A 937 -26.22 3.60 -23.94
CA ILE A 937 -26.49 2.22 -23.53
C ILE A 937 -27.23 2.24 -22.20
N CYS A 938 -28.40 1.62 -22.16
CA CYS A 938 -29.15 1.48 -20.92
C CYS A 938 -29.56 0.03 -20.73
N GLY A 939 -30.09 -0.24 -19.55
CA GLY A 939 -30.50 -1.58 -19.20
C GLY A 939 -30.27 -1.85 -17.73
N ASP A 940 -30.71 -3.03 -17.30
CA ASP A 940 -30.46 -3.47 -15.95
C ASP A 940 -28.96 -3.40 -15.71
N PRO A 941 -28.53 -3.31 -14.45
CA PRO A 941 -27.14 -2.92 -14.16
C PRO A 941 -26.12 -3.76 -14.92
N PHE A 942 -25.11 -3.07 -15.43
CA PHE A 942 -24.01 -3.69 -16.16
C PHE A 942 -22.72 -3.01 -15.74
N ALA A 943 -21.60 -3.69 -15.95
CA ALA A 943 -20.30 -3.06 -15.84
C ALA A 943 -19.91 -2.46 -17.18
N LEU A 944 -19.26 -1.30 -17.13
CA LEU A 944 -18.86 -0.54 -18.31
C LEU A 944 -17.35 -0.42 -18.34
N THR A 945 -16.74 -0.74 -19.47
CA THR A 945 -15.32 -0.48 -19.69
C THR A 945 -15.12 0.00 -21.11
N VAL A 946 -14.26 0.98 -21.29
CA VAL A 946 -14.00 1.54 -22.61
C VAL A 946 -12.51 1.75 -22.73
N ARG A 947 -11.94 1.25 -23.81
CA ARG A 947 -10.50 1.31 -24.03
C ARG A 947 -10.20 1.68 -25.48
N PRO A 948 -9.06 2.31 -25.73
CA PRO A 948 -8.59 2.51 -27.11
C PRO A 948 -7.73 1.38 -27.65
N TYR A 949 -7.68 0.22 -26.99
CA TYR A 949 -6.88 -0.91 -27.44
C TYR A 949 -7.58 -2.17 -26.99
N SER A 950 -7.18 -3.30 -27.55
CA SER A 950 -7.84 -4.58 -27.31
C SER A 950 -7.33 -5.28 -26.05
N GLN A 951 -8.00 -6.39 -25.71
CA GLN A 951 -7.59 -7.17 -24.56
C GLN A 951 -6.28 -7.91 -24.83
N ASP A 952 -6.02 -8.25 -26.08
CA ASP A 952 -4.81 -8.99 -26.38
C ASP A 952 -3.60 -8.08 -26.28
N VAL A 953 -3.75 -6.82 -26.72
CA VAL A 953 -2.68 -5.83 -26.55
C VAL A 953 -2.46 -5.54 -25.07
N LEU A 954 -3.55 -5.46 -24.29
CA LEU A 954 -3.43 -5.21 -22.87
C LEU A 954 -2.72 -6.35 -22.16
N ASP A 955 -3.07 -7.60 -22.49
CA ASP A 955 -2.42 -8.73 -21.83
C ASP A 955 -0.95 -8.84 -22.20
N ALA A 956 -0.63 -8.56 -23.46
CA ALA A 956 0.76 -8.69 -23.90
C ALA A 956 1.65 -7.63 -23.29
N ALA A 957 1.09 -6.47 -22.95
CA ALA A 957 1.89 -5.32 -22.55
C ALA A 957 2.53 -5.58 -21.20
N ALA A 958 3.84 -5.41 -21.12
CA ALA A 958 4.54 -5.49 -19.85
C ALA A 958 4.72 -4.13 -19.19
N HIS A 959 4.76 -3.06 -19.99
CA HIS A 959 4.87 -1.71 -19.45
C HIS A 959 3.90 -0.83 -20.18
N ARG A 960 3.54 0.29 -19.57
CA ARG A 960 2.51 1.13 -20.16
C ARG A 960 2.86 1.64 -21.55
N PRO A 961 4.12 1.88 -21.91
CA PRO A 961 4.40 2.28 -23.30
C PRO A 961 3.98 1.25 -24.32
N ASP A 962 3.77 0.00 -23.93
CA ASP A 962 3.36 -1.06 -24.86
C ASP A 962 1.92 -0.92 -25.31
N LEU A 963 1.13 -0.05 -24.68
CA LEU A 963 -0.28 0.12 -25.01
C LEU A 963 -0.39 1.18 -26.09
N LYS A 964 -0.78 0.77 -27.29
CA LYS A 964 -0.95 1.68 -28.39
C LYS A 964 -2.41 1.70 -28.80
N ALA A 965 -2.95 2.91 -28.97
CA ALA A 965 -4.28 3.07 -29.54
C ALA A 965 -4.23 2.73 -31.02
N ASP A 966 -5.33 2.14 -31.50
CA ASP A 966 -5.38 1.69 -32.90
C ASP A 966 -6.51 2.34 -33.70
N GLY A 967 -7.14 3.38 -33.18
CA GLY A 967 -8.19 4.08 -33.88
C GLY A 967 -9.59 3.57 -33.61
N ARG A 968 -9.73 2.50 -32.83
CA ARG A 968 -11.00 1.90 -32.52
C ARG A 968 -11.41 2.22 -31.08
N THR A 969 -12.64 1.82 -30.77
CA THR A 969 -13.16 1.86 -29.41
C THR A 969 -13.50 0.44 -29.02
N TYR A 970 -12.98 0.00 -27.87
CA TYR A 970 -13.27 -1.31 -27.32
C TYR A 970 -14.20 -1.11 -26.13
N LEU A 971 -15.47 -1.44 -26.33
CA LEU A 971 -16.54 -1.23 -25.37
C LEU A 971 -16.94 -2.56 -24.77
N TYR A 972 -16.93 -2.64 -23.45
CA TYR A 972 -17.28 -3.87 -22.74
C TYR A 972 -18.51 -3.59 -21.89
N VAL A 973 -19.56 -4.37 -22.12
CA VAL A 973 -20.81 -4.31 -21.36
C VAL A 973 -20.93 -5.67 -20.69
N ASP A 974 -20.76 -5.73 -19.37
CA ASP A 974 -20.78 -7.00 -18.66
C ASP A 974 -22.05 -7.17 -17.84
N HIS A 975 -22.70 -8.33 -17.99
CA HIS A 975 -23.81 -8.70 -17.13
C HIS A 975 -23.33 -9.30 -15.84
N ALA A 976 -22.14 -9.92 -15.84
CA ALA A 976 -21.57 -10.46 -14.62
C ALA A 976 -20.06 -10.34 -14.71
N LEU A 977 -19.44 -10.06 -13.55
CA LEU A 977 -17.99 -10.03 -13.40
C LEU A 977 -17.57 -10.90 -12.23
N ARG A 978 -16.36 -11.45 -12.33
CA ARG A 978 -15.69 -12.09 -11.23
C ARG A 978 -15.06 -11.01 -10.34
N GLY A 979 -14.80 -11.37 -9.09
CA GLY A 979 -14.00 -10.53 -8.20
C GLY A 979 -12.53 -10.56 -8.59
N VAL A 980 -11.73 -9.73 -7.91
CA VAL A 980 -10.29 -9.68 -8.16
C VAL A 980 -9.48 -10.26 -6.99
N GLY A 981 -10.02 -10.29 -5.78
CA GLY A 981 -9.36 -11.02 -4.71
C GLY A 981 -8.01 -10.36 -4.36
N THR A 982 -7.13 -11.18 -3.77
CA THR A 982 -5.73 -10.82 -3.42
C THR A 982 -4.79 -12.02 -3.62
N ALA A 983 -5.04 -12.84 -4.63
CA ALA A 983 -4.32 -14.11 -4.77
C ALA A 983 -2.83 -13.96 -5.08
N ALA A 984 -2.38 -12.81 -5.55
CA ALA A 984 -0.93 -12.62 -5.70
C ALA A 984 -0.22 -12.90 -4.37
N CYS A 985 -0.90 -12.66 -3.26
CA CYS A 985 -0.36 -13.02 -1.95
C CYS A 985 -1.49 -12.97 -0.93
N GLY A 986 -1.97 -14.15 -0.52
CA GLY A 986 -3.10 -14.26 0.36
C GLY A 986 -4.35 -14.78 -0.36
N PRO A 987 -5.51 -14.54 0.23
CA PRO A 987 -6.75 -15.13 -0.31
C PRO A 987 -7.04 -14.72 -1.74
N GLY A 988 -7.56 -15.70 -2.47
CA GLY A 988 -8.15 -15.41 -3.74
C GLY A 988 -9.55 -14.87 -3.58
N VAL A 989 -10.28 -14.90 -4.70
CA VAL A 989 -11.62 -14.37 -4.71
C VAL A 989 -12.45 -15.18 -3.73
N LEU A 990 -13.22 -14.48 -2.90
CA LEU A 990 -14.11 -15.17 -1.99
C LEU A 990 -15.25 -15.83 -2.79
N GLU A 991 -15.84 -16.87 -2.18
CA GLU A 991 -16.80 -17.72 -2.89
C GLU A 991 -17.93 -16.90 -3.50
N GLN A 992 -18.47 -15.95 -2.76
CA GLN A 992 -19.63 -15.21 -3.21
CA GLN A 992 -19.64 -15.21 -3.22
C GLN A 992 -19.35 -14.40 -4.48
N TYR A 993 -18.08 -14.14 -4.78
CA TYR A 993 -17.69 -13.33 -5.94
C TYR A 993 -17.06 -14.14 -7.06
N ARG A 994 -17.01 -15.45 -6.95
CA ARG A 994 -16.48 -16.24 -8.03
C ARG A 994 -17.55 -16.31 -9.13
N LEU A 995 -17.16 -16.83 -10.28
CA LEU A 995 -18.10 -16.86 -11.43
C LEU A 995 -17.90 -18.19 -12.15
N LYS A 996 -18.66 -19.19 -11.73
CA LYS A 996 -18.67 -20.48 -12.41
C LYS A 996 -19.59 -20.42 -13.65
N PRO A 997 -19.26 -21.16 -14.70
CA PRO A 997 -20.16 -21.25 -15.87
C PRO A 997 -21.60 -21.42 -15.46
N ARG A 998 -22.46 -20.59 -16.02
CA ARG A 998 -23.88 -20.67 -15.75
C ARG A 998 -24.62 -20.16 -16.95
N ASP A 999 -25.91 -20.47 -16.99
CA ASP A 999 -26.78 -19.87 -17.98
C ASP A 999 -27.06 -18.42 -17.59
N ALA A 1000 -27.37 -17.59 -18.57
CA ALA A 1000 -27.65 -16.20 -18.27
C ALA A 1000 -28.44 -15.58 -19.41
N ASP A 1001 -29.13 -14.49 -19.09
N ASP A 1001 -29.12 -14.48 -19.09
CA ASP A 1001 -29.83 -13.70 -20.08
CA ASP A 1001 -29.84 -13.71 -20.10
C ASP A 1001 -29.88 -12.28 -19.58
C ASP A 1001 -29.96 -12.29 -19.60
N PHE A 1002 -29.76 -11.33 -20.50
CA PHE A 1002 -29.79 -9.92 -20.12
C PHE A 1002 -30.17 -9.06 -21.31
N ILE A 1003 -30.81 -7.94 -20.98
CA ILE A 1003 -31.38 -7.02 -21.95
C ILE A 1003 -30.63 -5.70 -21.91
N LEU A 1004 -30.47 -5.09 -23.08
CA LEU A 1004 -29.87 -3.77 -23.21
C LEU A 1004 -30.68 -2.96 -24.21
N THR A 1005 -30.56 -1.64 -24.10
CA THR A 1005 -31.02 -0.72 -25.12
C THR A 1005 -29.85 0.11 -25.61
N LEU A 1006 -29.85 0.39 -26.90
CA LEU A 1006 -28.84 1.18 -27.57
C LEU A 1006 -29.51 2.30 -28.35
N LYS A 1007 -28.87 3.46 -28.37
CA LYS A 1007 -29.38 4.59 -29.15
C LYS A 1007 -28.21 5.48 -29.55
N VAL A 1008 -28.22 5.95 -30.79
CA VAL A 1008 -27.21 6.89 -31.27
C VAL A 1008 -27.89 8.23 -31.53
N ARG A 1009 -27.31 9.29 -30.99
CA ARG A 1009 -27.74 10.65 -31.27
C ARG A 1009 -26.59 11.37 -31.96
N SER A 1010 -26.94 12.16 -32.98
CA SER A 1010 -25.96 12.78 -33.86
C SER A 1010 -26.03 14.29 -33.76
C2 BGC B . 5.62 -14.59 -0.09
C3 BGC B . 5.89 -13.42 0.79
C4 BGC B . 4.97 -13.27 2.00
C5 BGC B . 4.67 -14.67 2.64
C6 BGC B . 3.47 -14.61 3.58
C1 BGC B . 5.52 -15.90 0.66
O1 BGC B . 5.31 -16.96 -0.20
O2 BGC B . 6.67 -14.64 -1.11
O3 BGC B . 5.69 -12.30 -0.13
O4 BGC B . 5.46 -12.32 3.01
O5 BGC B . 4.37 -15.76 1.64
O6 BGC B . 2.58 -15.71 3.37
C1 GAL B . 5.31 -10.94 2.81
C2 GAL B . 6.54 -10.09 3.22
C3 GAL B . 6.49 -8.72 2.61
C4 GAL B . 6.29 -8.73 1.10
C5 GAL B . 5.03 -9.47 0.71
C6 GAL B . 4.93 -9.73 -0.78
O2 GAL B . 6.68 -9.95 4.66
O3 GAL B . 7.72 -7.95 2.97
O4 GAL B . 7.39 -9.35 0.42
O5 GAL B . 5.04 -10.77 1.38
O6 GAL B . 4.88 -8.57 -1.59
NA NA C . 6.46 -6.97 -2.82
NA NA D . -9.15 -7.25 -20.01
NA NA E . -0.34 -7.20 -19.41
NA NA F . 15.39 -9.25 -1.21
C ACT G . -15.31 24.14 3.45
O ACT G . -15.31 23.62 2.34
OXT ACT G . -15.95 23.70 4.42
CH3 ACT G . -14.48 25.41 3.67
C ACT H . 1.55 -19.99 1.63
O ACT H . 1.80 -20.88 0.81
OXT ACT H . 2.32 -19.08 1.91
CH3 ACT H . 0.23 -20.06 2.38
C ACT I . -26.21 -26.64 -35.47
O ACT I . -25.74 -26.11 -36.49
OXT ACT I . -25.61 -26.67 -34.39
CH3 ACT I . -27.57 -27.30 -35.55
C ACT J . 26.24 -0.06 22.71
O ACT J . 27.06 -1.03 22.85
OXT ACT J . 25.39 0.38 23.53
CH3 ACT J . 26.32 0.62 21.40
C ACT K . 26.47 15.28 36.68
O ACT K . 26.17 16.43 36.24
OXT ACT K . 27.46 14.54 36.34
CH3 ACT K . 25.56 14.75 37.81
C1 GAL L . 5.89 -20.47 9.44
C2 GAL L . 5.14 -21.51 8.72
C3 GAL L . 3.81 -21.86 9.44
C4 GAL L . 4.01 -22.10 10.95
C5 GAL L . 5.02 -21.13 11.52
C6 GAL L . 5.54 -21.50 12.86
O1 GAL L . 7.11 -20.16 8.78
O2 GAL L . 4.77 -21.04 7.41
O3 GAL L . 3.24 -23.03 8.89
O4 GAL L . 4.40 -23.46 11.17
O5 GAL L . 6.18 -20.95 10.72
O6 GAL L . 6.23 -20.44 13.38
C1 GAL M . -7.74 9.62 12.84
C2 GAL M . -7.24 9.18 11.46
C3 GAL M . -7.57 10.24 10.37
C4 GAL M . -9.06 10.55 10.34
C5 GAL M . -9.46 10.94 11.77
C6 GAL M . -10.97 11.23 11.88
O1 GAL M . -7.55 8.66 13.82
O2 GAL M . -5.83 9.04 11.47
O3 GAL M . -7.19 9.82 9.12
O4 GAL M . -9.88 9.47 9.86
O5 GAL M . -9.13 9.92 12.75
O6 GAL M . -11.26 12.37 11.14
#